data_7YDG
#
_entry.id   7YDG
#
_cell.length_a   144.180
_cell.length_b   144.180
_cell.length_c   245.470
_cell.angle_alpha   90.000
_cell.angle_beta   90.000
_cell.angle_gamma   90.000
#
_symmetry.space_group_name_H-M   'P 43 21 2'
#
_entity_poly.entity_id   1
_entity_poly.type   'polypeptide(L)'
_entity_poly.pdbx_seq_one_letter_code
;MGSSHHHHHHSSGGDESQARVLHMVGDKPVFSFQPRGHLEIGEKLDIIRQNLSPRRLSHVSGHRSYYLRGAGALLQHGLV
NFTFNKLLRRGFTPMTVPDLLRGAVFEGCGMTPNANPSQIYNIDPARFKDLNLAGTAEVGLAGYFMDHTVAFRDLPVRMV
CSSTCYRAETNTGQEPRGLYRVHHFTKVEMFGVTGPGLEQSSQLLEEFLSLQMEILTELGLHFRVLDMPTQELGLPAYRK
FDIEAWMPGRGRFGEVTSASNCTDFQSRRLHIMFQTEAGELQFAHTVNATACAVPRLLIALLESNQQKDGSVLVPPALQS
YLGTDRITAPTHVPLQYIGPNQPRKPGLPGQPAVS
;
_entity_poly.pdbx_strand_id   A,B,C,D
#
# COMPACT_ATOMS: atom_id res chain seq x y z
N SER A 17 43.91 -5.70 -40.07
CA SER A 17 45.27 -5.86 -39.56
C SER A 17 45.46 -5.35 -38.12
N GLN A 18 45.58 -4.03 -37.96
CA GLN A 18 45.73 -3.39 -36.67
C GLN A 18 44.54 -2.49 -36.37
N ALA A 19 44.26 -2.30 -35.07
CA ALA A 19 43.12 -1.49 -34.67
C ALA A 19 43.26 -0.04 -35.13
N ARG A 20 42.20 0.50 -35.69
CA ARG A 20 42.12 1.86 -36.19
C ARG A 20 41.27 2.69 -35.22
N VAL A 21 41.76 3.87 -34.88
CA VAL A 21 40.98 4.82 -34.08
C VAL A 21 39.95 5.51 -34.96
N LEU A 22 38.67 5.29 -34.66
CA LEU A 22 37.59 5.91 -35.42
C LEU A 22 37.11 7.21 -34.82
N HIS A 23 37.18 7.37 -33.49
CA HIS A 23 36.64 8.55 -32.83
C HIS A 23 37.40 8.81 -31.54
N MET A 24 37.63 10.10 -31.27
CA MET A 24 38.09 10.62 -29.98
C MET A 24 36.97 11.43 -29.35
N VAL A 25 36.69 11.20 -28.08
CA VAL A 25 35.65 11.95 -27.40
C VAL A 25 36.18 12.43 -26.06
N GLY A 26 35.94 13.69 -25.76
CA GLY A 26 36.41 14.26 -24.53
C GLY A 26 37.87 14.66 -24.61
N ASP A 27 38.41 15.00 -23.44
CA ASP A 27 39.79 15.39 -23.26
C ASP A 27 40.34 14.74 -22.00
N LYS A 28 41.66 14.54 -21.95
CA LYS A 28 42.27 14.00 -20.75
C LYS A 28 42.14 15.00 -19.61
N PRO A 29 41.72 14.58 -18.42
CA PRO A 29 41.65 15.51 -17.30
C PRO A 29 43.05 15.99 -16.94
N VAL A 30 43.15 17.24 -16.51
CA VAL A 30 44.41 17.85 -16.11
C VAL A 30 44.55 17.80 -14.60
N PHE A 31 45.69 17.33 -14.11
CA PHE A 31 45.93 17.24 -12.68
C PHE A 31 47.12 18.08 -12.27
N SER A 32 47.02 18.71 -11.10
CA SER A 32 48.13 19.43 -10.51
C SER A 32 48.99 18.52 -9.66
N PHE A 33 48.69 17.22 -9.67
CA PHE A 33 49.35 16.24 -8.84
C PHE A 33 49.46 14.94 -9.62
N GLN A 34 50.17 13.99 -9.06
CA GLN A 34 50.26 12.67 -9.69
C GLN A 34 48.95 11.92 -9.46
N PRO A 35 48.23 11.53 -10.52
CA PRO A 35 46.96 10.81 -10.32
C PRO A 35 47.16 9.52 -9.55
N ARG A 36 46.22 9.23 -8.66
CA ARG A 36 46.30 8.02 -7.86
C ARG A 36 45.56 6.87 -8.55
N GLY A 37 45.86 5.64 -8.11
CA GLY A 37 45.19 4.48 -8.64
C GLY A 37 43.82 4.30 -8.02
N HIS A 38 42.97 3.56 -8.72
CA HIS A 38 41.61 3.38 -8.21
C HIS A 38 41.61 2.69 -6.85
N LEU A 39 42.51 1.71 -6.64
CA LEU A 39 42.53 1.05 -5.33
C LEU A 39 42.91 2.00 -4.22
N GLU A 40 43.94 2.84 -4.46
CA GLU A 40 44.34 3.81 -3.44
C GLU A 40 43.20 4.77 -3.14
N ILE A 41 42.55 5.27 -4.20
CA ILE A 41 41.42 6.17 -4.03
C ILE A 41 40.32 5.51 -3.22
N GLY A 42 39.97 4.27 -3.58
CA GLY A 42 38.89 3.58 -2.92
C GLY A 42 39.17 3.29 -1.46
N GLU A 43 40.38 2.84 -1.16
CA GLU A 43 40.71 2.53 0.24
C GLU A 43 40.72 3.80 1.08
N LYS A 44 41.25 4.91 0.55
CA LYS A 44 41.27 6.14 1.33
C LYS A 44 39.85 6.65 1.63
N LEU A 45 38.91 6.45 0.70
CA LEU A 45 37.54 6.89 0.90
C LEU A 45 36.69 5.82 1.57
N ASP A 46 37.28 4.67 1.87
CA ASP A 46 36.59 3.52 2.44
C ASP A 46 35.39 3.08 1.60
N ILE A 47 35.55 3.09 0.27
CA ILE A 47 34.55 2.56 -0.64
C ILE A 47 35.00 1.27 -1.30
N ILE A 48 36.26 0.87 -1.11
CA ILE A 48 36.80 -0.39 -1.60
C ILE A 48 37.53 -1.04 -0.44
N ARG A 49 37.31 -2.34 -0.24
CA ARG A 49 37.90 -3.05 0.90
C ARG A 49 38.37 -4.44 0.51
N GLN A 50 39.17 -5.03 1.41
CA GLN A 50 39.80 -6.35 1.24
C GLN A 50 40.51 -6.48 -0.10
N SER A 65 40.28 -10.98 -2.95
CA SER A 65 39.05 -10.48 -3.55
C SER A 65 38.80 -9.03 -3.15
N TYR A 66 37.62 -8.51 -3.46
CA TYR A 66 37.29 -7.12 -3.17
C TYR A 66 35.80 -6.95 -2.99
N TYR A 67 35.41 -5.93 -2.24
CA TYR A 67 34.00 -5.69 -1.99
C TYR A 67 33.85 -4.17 -1.86
N LEU A 68 32.76 -3.65 -2.42
CA LEU A 68 32.47 -2.22 -2.45
C LEU A 68 31.54 -1.87 -1.32
N ARG A 69 31.77 -0.71 -0.74
CA ARG A 69 31.02 -0.30 0.44
C ARG A 69 30.54 1.13 0.20
N GLY A 70 29.32 1.41 0.64
CA GLY A 70 28.82 2.78 0.59
C GLY A 70 28.84 3.41 -0.80
N ALA A 71 29.51 4.57 -0.93
CA ALA A 71 29.43 5.29 -2.19
C ALA A 71 29.91 4.42 -3.35
N GLY A 72 30.84 3.49 -3.10
CA GLY A 72 31.25 2.59 -4.17
C GLY A 72 30.13 1.66 -4.60
N ALA A 73 29.40 1.09 -3.63
CA ALA A 73 28.26 0.26 -3.99
C ALA A 73 27.22 1.09 -4.71
N LEU A 74 27.00 2.32 -4.24
CA LEU A 74 26.04 3.17 -4.94
C LEU A 74 26.50 3.52 -6.34
N LEU A 75 27.80 3.70 -6.57
CA LEU A 75 28.29 3.95 -7.92
C LEU A 75 28.03 2.77 -8.83
N GLN A 76 28.26 1.55 -8.35
CA GLN A 76 27.90 0.38 -9.14
C GLN A 76 26.41 0.41 -9.45
N HIS A 77 25.61 0.64 -8.42
CA HIS A 77 24.16 0.65 -8.58
C HIS A 77 23.75 1.73 -9.57
N GLY A 78 24.33 2.91 -9.45
CA GLY A 78 23.97 4.02 -10.31
C GLY A 78 24.37 3.78 -11.75
N LEU A 79 25.57 3.25 -11.98
CA LEU A 79 25.96 2.96 -13.35
C LEU A 79 25.01 1.97 -13.99
N VAL A 80 24.71 0.87 -13.29
CA VAL A 80 23.84 -0.15 -13.87
C VAL A 80 22.46 0.41 -14.15
N ASN A 81 21.86 1.09 -13.18
CA ASN A 81 20.49 1.59 -13.36
C ASN A 81 20.44 2.68 -14.41
N PHE A 82 21.46 3.54 -14.47
CA PHE A 82 21.49 4.60 -15.48
C PHE A 82 21.50 4.00 -16.87
N THR A 83 22.38 3.02 -17.09
CA THR A 83 22.42 2.36 -18.40
C THR A 83 21.13 1.60 -18.69
N PHE A 84 20.62 0.84 -17.71
CA PHE A 84 19.45 0.03 -17.95
C PHE A 84 18.23 0.90 -18.28
N ASN A 85 18.02 1.97 -17.52
CA ASN A 85 16.89 2.87 -17.77
C ASN A 85 17.01 3.57 -19.11
N LYS A 86 18.22 4.03 -19.47
CA LYS A 86 18.39 4.65 -20.77
C LYS A 86 18.04 3.66 -21.87
N LEU A 87 18.49 2.41 -21.77
CA LEU A 87 18.11 1.47 -22.82
C LEU A 87 16.62 1.13 -22.79
N LEU A 88 15.98 1.11 -21.62
CA LEU A 88 14.54 0.91 -21.58
C LEU A 88 13.81 2.03 -22.34
N ARG A 89 14.26 3.30 -22.17
CA ARG A 89 13.62 4.40 -22.91
C ARG A 89 13.81 4.31 -24.41
N ARG A 90 14.76 3.54 -24.91
CA ARG A 90 14.96 3.48 -26.36
C ARG A 90 14.18 2.35 -26.99
N GLY A 91 13.38 1.64 -26.21
CA GLY A 91 12.60 0.55 -26.73
C GLY A 91 13.22 -0.82 -26.54
N PHE A 92 14.31 -0.93 -25.81
CA PHE A 92 14.90 -2.25 -25.60
C PHE A 92 14.01 -3.02 -24.65
N THR A 93 13.81 -4.29 -24.96
CA THR A 93 12.99 -5.14 -24.10
C THR A 93 13.84 -5.68 -22.96
N PRO A 94 13.45 -5.47 -21.71
CA PRO A 94 14.24 -5.99 -20.59
C PRO A 94 14.13 -7.50 -20.52
N MET A 95 15.23 -8.10 -20.08
CA MET A 95 15.34 -9.54 -19.95
C MET A 95 16.20 -9.87 -18.74
N THR A 96 15.87 -10.94 -18.04
CA THR A 96 16.67 -11.40 -16.90
C THR A 96 16.92 -12.89 -17.11
N VAL A 97 18.15 -13.32 -16.88
CA VAL A 97 18.57 -14.68 -17.22
C VAL A 97 19.28 -15.38 -16.07
N PRO A 98 19.20 -16.71 -15.99
CA PRO A 98 20.14 -17.45 -15.13
C PRO A 98 21.50 -17.61 -15.80
N ASP A 99 22.56 -17.63 -14.99
CA ASP A 99 23.91 -17.68 -15.57
C ASP A 99 24.37 -19.10 -15.92
N VAL A 139 27.13 -15.27 -25.23
CA VAL A 139 26.86 -16.68 -25.46
C VAL A 139 25.43 -17.01 -25.07
N GLY A 140 25.09 -16.68 -23.83
CA GLY A 140 23.75 -16.97 -23.34
C GLY A 140 22.67 -16.20 -24.08
N LEU A 141 22.92 -14.92 -24.37
CA LEU A 141 21.88 -14.11 -24.98
C LEU A 141 21.45 -14.65 -26.33
N ALA A 142 22.41 -15.03 -27.17
CA ALA A 142 22.02 -15.64 -28.43
C ALA A 142 21.33 -16.97 -28.18
N GLY A 143 21.78 -17.71 -27.16
CA GLY A 143 21.23 -19.03 -26.86
C GLY A 143 19.76 -19.04 -26.47
N TYR A 144 19.25 -17.92 -25.96
CA TYR A 144 17.83 -17.86 -25.61
C TYR A 144 16.95 -17.85 -26.85
N PHE A 145 17.41 -17.24 -27.92
CA PHE A 145 16.68 -17.23 -29.18
C PHE A 145 16.87 -18.50 -30.00
N MET A 146 17.63 -19.47 -29.50
CA MET A 146 17.80 -20.76 -30.16
C MET A 146 16.45 -21.30 -30.58
N ASP A 147 16.39 -21.79 -31.83
CA ASP A 147 15.20 -22.47 -32.33
C ASP A 147 13.97 -21.59 -32.27
N HIS A 148 14.16 -20.28 -32.40
CA HIS A 148 13.07 -19.31 -32.36
C HIS A 148 13.08 -18.51 -33.66
N THR A 149 11.89 -18.10 -34.08
CA THR A 149 11.69 -17.35 -35.32
C THR A 149 10.97 -16.04 -35.02
N VAL A 150 11.45 -14.94 -35.60
CA VAL A 150 10.85 -13.63 -35.36
C VAL A 150 10.05 -13.20 -36.57
N ALA A 151 9.01 -12.40 -36.29
CA ALA A 151 8.13 -11.87 -37.30
C ALA A 151 8.78 -10.69 -37.99
N PHE A 152 8.52 -10.54 -39.30
CA PHE A 152 9.08 -9.40 -40.02
C PHE A 152 8.65 -8.08 -39.40
N ARG A 153 7.41 -8.00 -38.93
CA ARG A 153 6.92 -6.81 -38.24
C ARG A 153 7.67 -6.55 -36.94
N ASP A 154 8.37 -7.55 -36.40
CA ASP A 154 9.09 -7.38 -35.15
C ASP A 154 10.54 -6.95 -35.32
N LEU A 155 11.08 -6.98 -36.54
CA LEU A 155 12.46 -6.59 -36.78
C LEU A 155 12.62 -5.08 -36.73
N PRO A 156 13.69 -4.56 -36.12
CA PRO A 156 14.74 -5.27 -35.39
C PRO A 156 14.34 -5.52 -33.94
N VAL A 157 14.83 -6.62 -33.38
CA VAL A 157 14.59 -6.99 -31.99
C VAL A 157 15.77 -6.47 -31.16
N ARG A 158 15.46 -5.62 -30.18
CA ARG A 158 16.44 -5.03 -29.27
C ARG A 158 16.15 -5.54 -27.88
N MET A 159 17.13 -6.16 -27.25
CA MET A 159 16.98 -6.76 -25.94
C MET A 159 18.03 -6.14 -25.03
N VAL A 160 17.69 -5.94 -23.76
CA VAL A 160 18.65 -5.43 -22.78
C VAL A 160 18.62 -6.33 -21.56
N CYS A 161 19.80 -6.68 -21.06
CA CYS A 161 19.88 -7.60 -19.93
C CYS A 161 21.03 -7.27 -19.00
N SER A 162 20.75 -7.21 -17.70
CA SER A 162 21.79 -7.06 -16.68
C SER A 162 22.05 -8.41 -16.02
N SER A 163 23.32 -8.83 -15.97
CA SER A 163 23.65 -10.17 -15.48
C SER A 163 25.06 -10.24 -14.89
N THR A 164 25.30 -11.29 -14.08
CA THR A 164 26.61 -11.58 -13.50
C THR A 164 27.41 -12.53 -14.38
N CYS A 165 28.64 -12.11 -14.72
CA CYS A 165 29.54 -12.88 -15.57
C CYS A 165 30.72 -13.37 -14.76
N TYR A 166 31.20 -14.57 -15.12
CA TYR A 166 32.29 -15.26 -14.46
C TYR A 166 33.40 -15.50 -15.47
N ARG A 167 34.63 -15.17 -15.08
CA ARG A 167 35.80 -15.40 -15.93
C ARG A 167 36.95 -16.03 -15.14
N GLY A 178 44.34 -4.93 -8.45
CA GLY A 178 43.26 -4.04 -8.85
C GLY A 178 41.96 -4.75 -9.22
N LEU A 179 40.90 -3.98 -9.48
CA LEU A 179 39.62 -4.53 -9.92
C LEU A 179 39.58 -4.73 -11.43
N TYR A 180 40.71 -4.56 -12.11
CA TYR A 180 40.73 -4.63 -13.57
C TYR A 180 40.30 -6.02 -14.04
N ARG A 181 40.73 -7.06 -13.35
CA ARG A 181 40.45 -8.44 -13.71
C ARG A 181 39.98 -9.18 -12.46
N VAL A 182 38.67 -9.24 -12.25
CA VAL A 182 38.09 -10.02 -11.16
C VAL A 182 37.40 -11.25 -11.74
N HIS A 183 37.02 -12.17 -10.86
CA HIS A 183 36.39 -13.40 -11.33
C HIS A 183 34.92 -13.21 -11.64
N HIS A 184 34.23 -12.36 -10.89
CA HIS A 184 32.80 -12.12 -11.07
C HIS A 184 32.55 -10.63 -11.23
N PHE A 185 31.62 -10.28 -12.12
CA PHE A 185 31.29 -8.87 -12.25
C PHE A 185 29.93 -8.70 -12.91
N THR A 186 29.36 -7.52 -12.72
CA THR A 186 28.04 -7.21 -13.26
C THR A 186 28.21 -6.47 -14.58
N LYS A 187 27.43 -6.88 -15.57
CA LYS A 187 27.49 -6.26 -16.88
C LYS A 187 26.08 -6.18 -17.46
N VAL A 188 25.79 -5.05 -18.09
CA VAL A 188 24.56 -4.84 -18.84
C VAL A 188 24.87 -4.98 -20.33
N GLU A 189 24.13 -5.86 -21.00
CA GLU A 189 24.34 -6.27 -22.38
C GLU A 189 23.14 -5.87 -23.24
N MET A 190 23.46 -5.59 -24.50
CA MET A 190 22.52 -5.28 -25.56
C MET A 190 22.51 -6.47 -26.52
N PHE A 191 21.34 -6.82 -27.04
CA PHE A 191 21.28 -7.92 -28.01
C PHE A 191 20.32 -7.55 -29.12
N GLY A 192 20.72 -7.80 -30.36
CA GLY A 192 19.90 -7.43 -31.49
C GLY A 192 19.74 -8.55 -32.51
N VAL A 193 18.53 -8.65 -33.06
CA VAL A 193 18.23 -9.59 -34.14
C VAL A 193 17.55 -8.82 -35.24
N THR A 194 18.12 -8.82 -36.44
CA THR A 194 17.67 -7.85 -37.42
C THR A 194 17.43 -8.49 -38.77
N GLY A 195 16.87 -7.66 -39.66
CA GLY A 195 16.41 -8.03 -40.99
C GLY A 195 17.48 -8.60 -41.88
N PRO A 196 17.14 -8.81 -43.15
CA PRO A 196 18.07 -9.45 -44.08
C PRO A 196 19.29 -8.59 -44.33
N GLY A 197 20.44 -9.24 -44.36
CA GLY A 197 21.75 -8.73 -44.75
C GLY A 197 22.47 -7.60 -44.01
N LEU A 198 23.59 -7.23 -44.65
CA LEU A 198 24.56 -6.35 -44.03
C LEU A 198 24.02 -4.97 -43.76
N GLU A 199 23.17 -4.45 -44.64
CA GLU A 199 22.64 -3.12 -44.41
C GLU A 199 21.90 -3.07 -43.06
N GLN A 200 21.05 -4.06 -42.83
CA GLN A 200 20.27 -4.11 -41.60
C GLN A 200 21.18 -4.32 -40.38
N SER A 201 22.08 -5.32 -40.45
CA SER A 201 22.92 -5.60 -39.28
C SER A 201 23.89 -4.45 -39.01
N SER A 202 24.39 -3.81 -40.06
CA SER A 202 25.33 -2.71 -39.88
C SER A 202 24.66 -1.52 -39.25
N GLN A 203 23.45 -1.18 -39.70
CA GLN A 203 22.75 -0.10 -39.05
C GLN A 203 22.57 -0.40 -37.58
N LEU A 204 22.17 -1.63 -37.25
CA LEU A 204 21.95 -1.95 -35.85
C LEU A 204 23.24 -1.85 -35.05
N LEU A 205 24.37 -2.30 -35.62
CA LEU A 205 25.63 -2.19 -34.90
C LEU A 205 26.00 -0.74 -34.66
N GLU A 206 25.81 0.12 -35.67
CA GLU A 206 26.13 1.53 -35.46
C GLU A 206 25.21 2.18 -34.44
N GLU A 207 23.94 1.78 -34.43
CA GLU A 207 23.02 2.27 -33.40
C GLU A 207 23.49 1.90 -32.01
N PHE A 208 23.89 0.63 -31.82
CA PHE A 208 24.40 0.19 -30.52
C PHE A 208 25.66 0.95 -30.16
N LEU A 209 26.54 1.17 -31.13
CA LEU A 209 27.76 1.91 -30.85
C LEU A 209 27.44 3.32 -30.40
N SER A 210 26.47 3.97 -31.05
CA SER A 210 26.09 5.33 -30.63
C SER A 210 25.52 5.33 -29.21
N LEU A 211 24.76 4.29 -28.83
CA LEU A 211 24.34 4.23 -27.43
C LEU A 211 25.52 4.14 -26.48
N GLN A 212 26.52 3.34 -26.81
CA GLN A 212 27.68 3.23 -25.92
C GLN A 212 28.37 4.59 -25.82
N MET A 213 28.54 5.26 -26.96
CA MET A 213 29.23 6.55 -26.96
C MET A 213 28.43 7.60 -26.18
N GLU A 214 27.09 7.57 -26.33
CA GLU A 214 26.22 8.47 -25.59
C GLU A 214 26.34 8.27 -24.09
N ILE A 215 26.28 7.00 -23.65
CA ILE A 215 26.39 6.70 -22.23
C ILE A 215 27.70 7.23 -21.68
N LEU A 216 28.81 6.90 -22.35
CA LEU A 216 30.09 7.36 -21.83
C LEU A 216 30.22 8.88 -21.87
N THR A 217 29.66 9.56 -22.86
CA THR A 217 29.78 11.01 -22.85
C THR A 217 28.98 11.62 -21.70
N GLU A 218 27.76 11.13 -21.46
CA GLU A 218 26.99 11.66 -20.36
C GLU A 218 27.64 11.34 -19.00
N LEU A 219 28.44 10.29 -18.93
CA LEU A 219 29.22 10.05 -17.71
C LEU A 219 30.50 10.87 -17.68
N GLY A 220 30.77 11.62 -18.75
CA GLY A 220 31.91 12.53 -18.76
C GLY A 220 33.26 11.88 -18.85
N LEU A 221 33.36 10.72 -19.48
CA LEU A 221 34.63 10.03 -19.63
C LEU A 221 35.26 10.38 -20.97
N HIS A 222 36.60 10.40 -20.98
CA HIS A 222 37.38 10.60 -22.18
C HIS A 222 37.68 9.24 -22.78
N PHE A 223 37.35 9.04 -24.06
CA PHE A 223 37.49 7.70 -24.61
C PHE A 223 37.78 7.76 -26.10
N ARG A 224 38.15 6.60 -26.64
CA ARG A 224 38.40 6.45 -28.06
C ARG A 224 37.76 5.16 -28.56
N VAL A 225 37.18 5.24 -29.76
CA VAL A 225 36.55 4.09 -30.38
C VAL A 225 37.52 3.50 -31.39
N LEU A 226 37.73 2.19 -31.31
CA LEU A 226 38.70 1.48 -32.12
C LEU A 226 37.97 0.49 -33.00
N ASP A 227 38.45 0.39 -34.23
CA ASP A 227 37.89 -0.53 -35.20
C ASP A 227 38.79 -1.77 -35.17
N MET A 228 38.33 -2.80 -34.46
CA MET A 228 39.11 -4.03 -34.30
C MET A 228 39.18 -4.82 -35.60
N PRO A 229 40.31 -5.49 -35.86
CA PRO A 229 40.36 -6.43 -36.99
C PRO A 229 39.53 -7.66 -36.71
N THR A 230 39.07 -8.31 -37.79
CA THR A 230 38.16 -9.43 -37.60
C THR A 230 38.57 -10.70 -38.35
N GLN A 231 39.01 -10.60 -39.60
CA GLN A 231 39.43 -11.80 -40.31
C GLN A 231 40.83 -12.25 -39.88
N GLU A 232 41.51 -11.43 -39.09
CA GLU A 232 42.81 -11.70 -38.51
C GLU A 232 42.66 -11.86 -37.00
N LEU A 233 43.47 -12.75 -36.44
CA LEU A 233 43.39 -13.16 -35.02
C LEU A 233 42.14 -13.95 -34.70
N GLY A 234 41.12 -13.89 -35.57
CA GLY A 234 39.91 -14.66 -35.36
C GLY A 234 39.13 -14.86 -36.64
N LEU A 235 37.80 -14.74 -36.56
CA LEU A 235 36.95 -14.90 -37.74
C LEU A 235 35.48 -14.61 -37.47
N PRO A 236 34.89 -15.08 -36.33
CA PRO A 236 33.42 -14.98 -36.18
C PRO A 236 32.91 -13.58 -35.91
N ALA A 237 33.20 -12.65 -36.81
CA ALA A 237 32.77 -11.26 -36.66
C ALA A 237 33.00 -10.53 -37.97
N TYR A 238 32.00 -9.77 -38.41
CA TYR A 238 32.16 -9.02 -39.63
C TYR A 238 32.70 -7.63 -39.36
N ARG A 239 32.32 -7.07 -38.21
CA ARG A 239 32.80 -5.77 -37.77
C ARG A 239 32.79 -5.77 -36.25
N LYS A 240 33.81 -5.15 -35.66
CA LYS A 240 33.94 -5.12 -34.20
C LYS A 240 34.48 -3.77 -33.76
N PHE A 241 33.74 -3.08 -32.90
CA PHE A 241 34.16 -1.80 -32.35
C PHE A 241 34.42 -1.97 -30.86
N ASP A 242 35.58 -1.51 -30.41
CA ASP A 242 35.88 -1.45 -28.99
C ASP A 242 35.98 -0.01 -28.55
N ILE A 243 35.65 0.25 -27.29
CA ILE A 243 35.78 1.58 -26.74
C ILE A 243 36.68 1.51 -25.52
N GLU A 244 37.71 2.34 -25.51
CA GLU A 244 38.66 2.42 -24.42
C GLU A 244 38.49 3.76 -23.73
N ALA A 245 38.31 3.73 -22.41
CA ALA A 245 38.21 4.94 -21.61
C ALA A 245 39.58 5.25 -21.02
N TRP A 246 39.87 6.54 -20.91
CA TRP A 246 41.13 7.00 -20.33
C TRP A 246 41.16 6.68 -18.84
N MET A 247 42.25 6.13 -18.35
CA MET A 247 42.40 5.83 -16.92
C MET A 247 43.70 6.49 -16.45
N PRO A 248 43.61 7.68 -15.83
CA PRO A 248 44.83 8.40 -15.42
C PRO A 248 45.74 7.63 -14.49
N GLY A 249 45.19 6.94 -13.49
CA GLY A 249 46.03 6.22 -12.55
C GLY A 249 46.79 5.09 -13.22
N ARG A 250 46.10 4.32 -14.05
CA ARG A 250 46.78 3.32 -14.86
C ARG A 250 47.68 3.98 -15.89
N GLY A 251 47.38 5.22 -16.28
CA GLY A 251 48.15 5.92 -17.27
C GLY A 251 47.91 5.47 -18.69
N ARG A 252 46.71 4.95 -18.99
CA ARG A 252 46.52 4.39 -20.33
C ARG A 252 45.04 4.25 -20.62
N PHE A 253 44.73 3.91 -21.86
CA PHE A 253 43.35 3.62 -22.20
C PHE A 253 43.04 2.18 -21.86
N GLY A 254 41.85 1.95 -21.34
CA GLY A 254 41.40 0.61 -21.00
C GLY A 254 40.03 0.32 -21.55
N GLU A 255 39.87 -0.88 -22.12
CA GLU A 255 38.61 -1.28 -22.73
C GLU A 255 37.49 -1.25 -21.70
N VAL A 256 36.39 -0.60 -22.03
CA VAL A 256 35.21 -0.57 -21.16
C VAL A 256 33.98 -1.19 -21.83
N THR A 257 33.92 -1.19 -23.17
CA THR A 257 32.79 -1.79 -23.87
C THR A 257 33.26 -2.35 -25.22
N SER A 258 32.47 -3.26 -25.80
CA SER A 258 32.72 -3.75 -27.14
C SER A 258 31.39 -3.95 -27.86
N ALA A 259 31.41 -3.88 -29.18
CA ALA A 259 30.21 -4.09 -29.98
C ALA A 259 30.61 -4.76 -31.29
N SER A 260 29.97 -5.87 -31.60
CA SER A 260 30.31 -6.69 -32.75
C SER A 260 29.05 -7.10 -33.50
N ASN A 261 29.16 -7.13 -34.83
CA ASN A 261 28.13 -7.64 -35.73
C ASN A 261 28.49 -9.07 -36.08
N CYS A 262 27.68 -10.04 -35.64
CA CYS A 262 27.99 -11.44 -35.91
C CYS A 262 27.25 -12.00 -37.12
N THR A 263 26.53 -11.18 -37.88
CA THR A 263 25.75 -11.62 -39.04
C THR A 263 25.00 -12.93 -38.74
N ASP A 264 25.20 -13.95 -39.56
CA ASP A 264 24.47 -15.20 -39.42
C ASP A 264 25.31 -16.30 -38.78
N PHE A 265 26.40 -15.92 -38.11
CA PHE A 265 27.23 -16.91 -37.43
C PHE A 265 26.46 -17.57 -36.29
N GLN A 266 25.88 -16.76 -35.40
CA GLN A 266 25.08 -17.34 -34.33
C GLN A 266 23.76 -17.88 -34.86
N SER A 267 23.16 -17.20 -35.85
CA SER A 267 21.87 -17.66 -36.34
C SER A 267 21.97 -19.03 -36.97
N ARG A 268 23.04 -19.28 -37.74
CA ARG A 268 23.12 -20.57 -38.42
C ARG A 268 23.41 -21.70 -37.45
N ARG A 269 24.04 -21.40 -36.31
CA ARG A 269 24.33 -22.45 -35.34
C ARG A 269 23.18 -22.66 -34.36
N LEU A 270 22.36 -21.65 -34.12
CA LEU A 270 21.28 -21.78 -33.14
C LEU A 270 19.91 -21.76 -33.78
N HIS A 271 19.83 -21.70 -35.10
CA HIS A 271 18.55 -21.63 -35.80
C HIS A 271 17.72 -20.47 -35.27
N ILE A 272 18.28 -19.27 -35.39
CA ILE A 272 17.58 -18.04 -35.08
C ILE A 272 17.08 -17.52 -36.41
N MET A 273 15.79 -17.72 -36.68
CA MET A 273 15.26 -17.39 -38.00
C MET A 273 14.42 -16.12 -37.95
N PHE A 274 14.22 -15.55 -39.13
CA PHE A 274 13.29 -14.44 -39.31
C PHE A 274 12.45 -14.70 -40.54
N GLN A 275 11.23 -14.16 -40.51
CA GLN A 275 10.28 -14.31 -41.59
C GLN A 275 10.41 -13.12 -42.53
N THR A 276 10.70 -13.38 -43.79
CA THR A 276 10.80 -12.25 -44.69
C THR A 276 9.41 -11.69 -44.99
N GLU A 277 9.39 -10.56 -45.67
CA GLU A 277 8.11 -9.97 -46.04
C GLU A 277 7.35 -10.90 -46.97
N ALA A 278 8.05 -11.52 -47.94
CA ALA A 278 7.42 -12.47 -48.85
C ALA A 278 6.90 -13.71 -48.15
N GLY A 279 7.46 -14.05 -46.99
CA GLY A 279 7.05 -15.23 -46.24
C GLY A 279 8.06 -16.37 -46.13
N GLU A 280 9.32 -16.16 -46.49
CA GLU A 280 10.35 -17.17 -46.37
C GLU A 280 10.98 -17.11 -44.99
N LEU A 281 11.46 -18.25 -44.50
CA LEU A 281 12.27 -18.25 -43.30
C LEU A 281 13.74 -18.20 -43.69
N GLN A 282 14.50 -17.29 -43.07
CA GLN A 282 15.90 -17.15 -43.38
C GLN A 282 16.68 -16.95 -42.09
N PHE A 283 17.96 -17.30 -42.13
CA PHE A 283 18.78 -17.08 -40.93
C PHE A 283 18.93 -15.58 -40.69
N ALA A 284 18.61 -15.16 -39.47
CA ALA A 284 18.67 -13.75 -39.16
C ALA A 284 20.12 -13.32 -38.91
N HIS A 285 20.30 -12.04 -38.64
CA HIS A 285 21.57 -11.47 -38.23
C HIS A 285 21.46 -11.05 -36.79
N THR A 286 22.55 -11.24 -36.04
CA THR A 286 22.63 -10.90 -34.63
C THR A 286 23.73 -9.89 -34.38
N VAL A 287 23.47 -8.98 -33.44
CA VAL A 287 24.43 -7.95 -33.06
C VAL A 287 24.53 -7.91 -31.54
N ASN A 288 25.76 -7.83 -31.03
CA ASN A 288 26.02 -7.85 -29.60
C ASN A 288 26.81 -6.61 -29.22
N ALA A 289 26.56 -6.13 -28.02
CA ALA A 289 27.27 -4.94 -27.54
C ALA A 289 27.14 -4.84 -26.04
N THR A 290 28.26 -4.57 -25.37
CA THR A 290 28.25 -4.20 -23.97
C THR A 290 27.71 -2.81 -23.79
N ALA A 291 26.73 -2.68 -22.91
CA ALA A 291 26.18 -1.40 -22.52
C ALA A 291 26.84 -0.85 -21.25
N CYS A 292 27.27 -1.74 -20.34
CA CYS A 292 27.94 -1.27 -19.12
C CYS A 292 28.71 -2.41 -18.47
N ALA A 293 30.02 -2.22 -18.27
CA ALA A 293 30.85 -3.12 -17.47
C ALA A 293 31.25 -2.36 -16.22
N VAL A 294 30.71 -2.76 -15.07
CA VAL A 294 30.88 -1.96 -13.85
C VAL A 294 32.34 -1.81 -13.41
N PRO A 295 33.14 -2.87 -13.28
CA PRO A 295 34.54 -2.68 -12.83
C PRO A 295 35.32 -1.65 -13.65
N ARG A 296 35.31 -1.77 -14.97
CA ARG A 296 36.14 -0.89 -15.80
C ARG A 296 35.63 0.55 -15.78
N LEU A 297 34.31 0.73 -15.73
CA LEU A 297 33.81 2.10 -15.60
C LEU A 297 34.11 2.67 -14.24
N LEU A 298 34.06 1.85 -13.19
CA LEU A 298 34.47 2.38 -11.89
C LEU A 298 35.92 2.82 -11.91
N ILE A 299 36.79 2.04 -12.54
CA ILE A 299 38.18 2.46 -12.62
C ILE A 299 38.28 3.80 -13.35
N ALA A 300 37.63 3.91 -14.50
CA ALA A 300 37.73 5.15 -15.26
C ALA A 300 37.18 6.34 -14.46
N LEU A 301 36.02 6.18 -13.81
CA LEU A 301 35.42 7.30 -13.09
C LEU A 301 36.24 7.72 -11.90
N LEU A 302 36.66 6.76 -11.07
CA LEU A 302 37.44 7.13 -9.88
C LEU A 302 38.75 7.79 -10.30
N GLU A 303 39.45 7.22 -11.27
CA GLU A 303 40.73 7.82 -11.62
C GLU A 303 40.56 9.13 -12.40
N SER A 304 39.43 9.33 -13.07
CA SER A 304 39.23 10.56 -13.83
C SER A 304 38.71 11.70 -12.98
N ASN A 305 37.87 11.41 -11.98
CA ASN A 305 37.23 12.46 -11.20
C ASN A 305 37.88 12.66 -9.84
N GLN A 306 39.06 12.07 -9.61
CA GLN A 306 39.73 12.26 -8.34
C GLN A 306 40.20 13.69 -8.16
N GLN A 307 40.25 14.10 -6.90
CA GLN A 307 40.69 15.43 -6.51
C GLN A 307 42.02 15.34 -5.77
N LYS A 308 42.65 16.51 -5.59
CA LYS A 308 43.94 16.57 -4.91
C LYS A 308 43.83 16.07 -3.47
N ASP A 309 42.75 16.42 -2.78
CA ASP A 309 42.54 16.00 -1.40
C ASP A 309 42.08 14.54 -1.26
N GLY A 310 42.07 13.78 -2.35
CA GLY A 310 41.65 12.39 -2.31
C GLY A 310 40.16 12.16 -2.42
N SER A 311 39.37 13.22 -2.61
CA SER A 311 37.94 13.11 -2.83
C SER A 311 37.69 12.82 -4.31
N VAL A 312 36.46 12.44 -4.61
CA VAL A 312 36.05 12.10 -5.98
C VAL A 312 34.78 12.84 -6.32
N LEU A 313 34.82 13.61 -7.41
CA LEU A 313 33.62 14.28 -7.87
C LEU A 313 32.71 13.28 -8.56
N VAL A 314 31.42 13.46 -8.36
CA VAL A 314 30.40 12.57 -8.89
C VAL A 314 29.84 13.19 -10.17
N PRO A 315 29.81 12.47 -11.28
CA PRO A 315 29.20 13.00 -12.49
C PRO A 315 27.76 13.36 -12.23
N PRO A 316 27.26 14.46 -12.79
CA PRO A 316 25.86 14.82 -12.54
C PRO A 316 24.88 13.70 -12.87
N ALA A 317 25.11 12.91 -13.93
CA ALA A 317 24.16 11.83 -14.23
C ALA A 317 24.02 10.84 -13.08
N LEU A 318 25.04 10.66 -12.25
CA LEU A 318 25.00 9.71 -11.15
C LEU A 318 24.73 10.34 -9.80
N GLN A 319 24.66 11.68 -9.73
CA GLN A 319 24.42 12.36 -8.47
C GLN A 319 23.07 11.99 -7.88
N SER A 320 22.10 11.70 -8.76
CA SER A 320 20.80 11.26 -8.31
C SER A 320 20.92 10.02 -7.42
N TYR A 321 21.69 9.03 -7.88
CA TYR A 321 21.83 7.78 -7.14
C TYR A 321 22.76 7.92 -5.95
N LEU A 322 23.75 8.78 -6.03
CA LEU A 322 24.67 8.90 -4.90
C LEU A 322 24.21 9.87 -3.84
N GLY A 323 23.30 10.77 -4.15
CA GLY A 323 22.89 11.73 -3.14
C GLY A 323 23.91 12.79 -2.81
N THR A 324 24.97 12.92 -3.60
CA THR A 324 26.00 13.94 -3.37
C THR A 324 26.73 14.20 -4.67
N ASP A 325 27.42 15.34 -4.71
CA ASP A 325 28.26 15.70 -5.85
C ASP A 325 29.74 15.42 -5.60
N ARG A 326 30.11 14.92 -4.43
CA ARG A 326 31.48 14.57 -4.12
C ARG A 326 31.54 13.53 -3.02
N ILE A 327 32.29 12.46 -3.26
CA ILE A 327 32.54 11.41 -2.29
C ILE A 327 33.75 11.80 -1.46
N THR A 328 33.58 11.80 -0.14
CA THR A 328 34.60 12.29 0.77
C THR A 328 34.98 11.20 1.76
N ALA A 329 36.18 11.31 2.29
CA ALA A 329 36.67 10.34 3.26
C ALA A 329 35.87 10.43 4.55
N PRO A 330 35.69 9.31 5.26
CA PRO A 330 34.95 9.31 6.52
C PRO A 330 35.82 9.82 7.67
N THR A 331 35.15 10.13 8.78
CA THR A 331 35.85 10.64 9.96
C THR A 331 36.54 9.51 10.75
N SER B 17 9.46 -26.96 19.53
CA SER B 17 9.22 -28.18 18.75
C SER B 17 8.74 -27.89 17.31
N GLN B 18 7.49 -27.49 17.14
CA GLN B 18 6.91 -27.18 15.84
C GLN B 18 6.63 -25.69 15.72
N ALA B 19 6.66 -25.18 14.49
CA ALA B 19 6.53 -23.75 14.23
C ALA B 19 5.19 -23.18 14.70
N ARG B 20 5.25 -22.02 15.35
CA ARG B 20 4.08 -21.30 15.86
C ARG B 20 3.81 -20.10 14.97
N VAL B 21 2.55 -19.89 14.63
CA VAL B 21 2.17 -18.71 13.86
C VAL B 21 2.18 -17.50 14.79
N LEU B 22 3.06 -16.54 14.53
CA LEU B 22 3.12 -15.35 15.37
C LEU B 22 2.28 -14.20 14.85
N HIS B 23 2.10 -14.08 13.54
CA HIS B 23 1.34 -12.95 12.99
C HIS B 23 0.67 -13.32 11.67
N MET B 24 -0.55 -12.84 11.48
CA MET B 24 -1.23 -12.88 10.18
C MET B 24 -1.35 -11.46 9.65
N VAL B 25 -1.03 -11.26 8.38
CA VAL B 25 -1.18 -9.96 7.74
C VAL B 25 -1.91 -10.15 6.42
N GLY B 26 -2.91 -9.32 6.17
CA GLY B 26 -3.68 -9.37 4.95
C GLY B 26 -4.72 -10.47 4.95
N ASP B 27 -5.35 -10.64 3.78
CA ASP B 27 -6.39 -11.63 3.56
C ASP B 27 -6.17 -12.34 2.24
N LYS B 28 -6.65 -13.58 2.16
CA LYS B 28 -6.55 -14.33 0.93
C LYS B 28 -7.36 -13.64 -0.16
N PRO B 29 -6.83 -13.49 -1.36
CA PRO B 29 -7.61 -12.90 -2.45
C PRO B 29 -8.78 -13.79 -2.81
N VAL B 30 -9.88 -13.15 -3.24
CA VAL B 30 -11.12 -13.83 -3.61
C VAL B 30 -11.17 -13.96 -5.13
N PHE B 31 -11.43 -15.17 -5.63
CA PHE B 31 -11.53 -15.40 -7.06
C PHE B 31 -12.87 -16.00 -7.43
N SER B 32 -13.38 -15.59 -8.59
CA SER B 32 -14.57 -16.17 -9.19
C SER B 32 -14.22 -17.34 -10.11
N PHE B 33 -12.96 -17.74 -10.14
CA PHE B 33 -12.45 -18.77 -11.04
C PHE B 33 -11.38 -19.55 -10.33
N GLN B 34 -10.94 -20.64 -10.95
CA GLN B 34 -9.85 -21.43 -10.38
C GLN B 34 -8.53 -20.69 -10.61
N PRO B 35 -7.81 -20.30 -9.55
CA PRO B 35 -6.54 -19.59 -9.75
C PRO B 35 -5.52 -20.42 -10.50
N ARG B 36 -4.80 -19.78 -11.41
CA ARG B 36 -3.81 -20.43 -12.24
C ARG B 36 -2.41 -20.32 -11.63
N GLY B 37 -1.50 -21.17 -12.12
CA GLY B 37 -0.13 -21.13 -11.68
C GLY B 37 0.65 -19.98 -12.29
N HIS B 38 1.76 -19.62 -11.63
CA HIS B 38 2.56 -18.51 -12.12
C HIS B 38 3.08 -18.78 -13.54
N LEU B 39 3.40 -20.03 -13.85
CA LEU B 39 3.88 -20.35 -15.20
C LEU B 39 2.80 -20.10 -16.26
N GLU B 40 1.57 -20.51 -15.99
CA GLU B 40 0.49 -20.25 -16.93
C GLU B 40 0.33 -18.76 -17.13
N ILE B 41 0.36 -18.01 -16.03
CA ILE B 41 0.20 -16.56 -16.10
C ILE B 41 1.31 -15.96 -16.95
N GLY B 42 2.56 -16.38 -16.68
CA GLY B 42 3.69 -15.83 -17.41
C GLY B 42 3.64 -16.16 -18.88
N GLU B 43 3.34 -17.42 -19.22
CA GLU B 43 3.27 -17.80 -20.62
C GLU B 43 2.16 -17.04 -21.34
N LYS B 44 0.99 -16.88 -20.70
CA LYS B 44 -0.10 -16.15 -21.34
C LYS B 44 0.24 -14.67 -21.51
N LEU B 45 1.00 -14.09 -20.58
CA LEU B 45 1.37 -12.68 -20.68
C LEU B 45 2.70 -12.47 -21.41
N ASP B 46 3.35 -13.56 -21.80
CA ASP B 46 4.69 -13.54 -22.43
C ASP B 46 5.71 -12.80 -21.57
N ILE B 47 5.64 -13.02 -20.26
CA ILE B 47 6.64 -12.50 -19.33
C ILE B 47 7.51 -13.61 -18.77
N ILE B 48 7.20 -14.87 -19.08
CA ILE B 48 8.01 -16.01 -18.70
C ILE B 48 8.14 -16.87 -19.95
N ARG B 49 9.35 -17.36 -20.22
CA ARG B 49 9.61 -18.12 -21.45
C ARG B 49 10.49 -19.31 -21.14
N GLN B 50 11.02 -19.93 -22.20
CA GLN B 50 11.80 -21.16 -22.12
C GLN B 50 11.02 -22.28 -21.45
N SER B 65 14.74 -24.82 -18.56
CA SER B 65 15.29 -23.53 -18.16
C SER B 65 14.19 -22.46 -18.02
N TYR B 66 14.57 -21.21 -17.77
CA TYR B 66 13.60 -20.13 -17.60
C TYR B 66 14.23 -18.78 -17.92
N TYR B 67 13.38 -17.86 -18.36
CA TYR B 67 13.76 -16.57 -18.90
C TYR B 67 12.59 -15.61 -18.66
N LEU B 68 12.87 -14.42 -18.10
CA LEU B 68 11.84 -13.41 -17.86
C LEU B 68 11.95 -12.28 -18.88
N ARG B 69 10.81 -11.82 -19.34
CA ARG B 69 10.81 -10.91 -20.48
C ARG B 69 9.85 -9.77 -20.17
N GLY B 70 10.21 -8.58 -20.60
CA GLY B 70 9.31 -7.44 -20.50
C GLY B 70 8.85 -7.18 -19.07
N ALA B 71 7.52 -7.13 -18.92
CA ALA B 71 6.95 -6.74 -17.63
C ALA B 71 7.44 -7.66 -16.52
N GLY B 72 7.72 -8.93 -16.81
CA GLY B 72 8.25 -9.83 -15.79
C GLY B 72 9.63 -9.41 -15.34
N ALA B 73 10.50 -9.05 -16.29
CA ALA B 73 11.82 -8.57 -15.92
C ALA B 73 11.71 -7.28 -15.14
N LEU B 74 10.81 -6.38 -15.55
CA LEU B 74 10.65 -5.17 -14.76
C LEU B 74 10.12 -5.47 -13.38
N LEU B 75 9.28 -6.50 -13.21
CA LEU B 75 8.82 -6.84 -11.88
C LEU B 75 9.98 -7.27 -11.01
N GLN B 76 10.84 -8.16 -11.52
CA GLN B 76 11.99 -8.59 -10.75
C GLN B 76 12.90 -7.42 -10.39
N HIS B 77 13.25 -6.66 -11.40
CA HIS B 77 14.21 -5.60 -11.24
C HIS B 77 13.63 -4.56 -10.29
N GLY B 78 12.34 -4.25 -10.45
CA GLY B 78 11.66 -3.28 -9.62
C GLY B 78 11.48 -3.69 -8.17
N LEU B 79 11.20 -4.96 -7.91
CA LEU B 79 11.15 -5.43 -6.53
C LEU B 79 12.51 -5.23 -5.86
N VAL B 80 13.59 -5.63 -6.54
CA VAL B 80 14.93 -5.48 -5.95
C VAL B 80 15.19 -4.00 -5.63
N ASN B 81 14.89 -3.11 -6.58
CA ASN B 81 15.14 -1.70 -6.34
C ASN B 81 14.26 -1.15 -5.22
N PHE B 82 13.01 -1.59 -5.14
CA PHE B 82 12.12 -1.10 -4.11
C PHE B 82 12.64 -1.45 -2.72
N THR B 83 13.01 -2.73 -2.53
CA THR B 83 13.57 -3.15 -1.25
C THR B 83 14.90 -2.45 -0.95
N PHE B 84 15.78 -2.36 -1.95
CA PHE B 84 17.09 -1.76 -1.73
C PHE B 84 16.97 -0.29 -1.35
N ASN B 85 16.15 0.47 -2.06
CA ASN B 85 15.95 1.87 -1.73
C ASN B 85 15.34 2.05 -0.36
N LYS B 86 14.36 1.21 -0.01
CA LYS B 86 13.77 1.32 1.32
C LYS B 86 14.83 1.11 2.39
N LEU B 87 15.67 0.07 2.23
CA LEU B 87 16.70 -0.13 3.25
C LEU B 87 17.73 0.98 3.26
N LEU B 88 18.03 1.57 2.11
CA LEU B 88 18.93 2.72 2.12
C LEU B 88 18.34 3.86 2.95
N ARG B 89 17.04 4.14 2.77
CA ARG B 89 16.42 5.22 3.54
C ARG B 89 16.38 4.93 5.03
N ARG B 90 16.51 3.68 5.45
CA ARG B 90 16.43 3.34 6.86
C ARG B 90 17.80 3.29 7.53
N GLY B 91 18.85 3.71 6.84
CA GLY B 91 20.17 3.77 7.42
C GLY B 91 21.09 2.59 7.18
N PHE B 92 20.70 1.65 6.32
CA PHE B 92 21.57 0.53 6.02
C PHE B 92 22.67 0.97 5.07
N THR B 93 23.89 0.51 5.33
CA THR B 93 25.01 0.81 4.45
C THR B 93 25.09 -0.21 3.33
N PRO B 94 25.06 0.19 2.07
CA PRO B 94 25.11 -0.78 0.97
C PRO B 94 26.48 -1.41 0.81
N MET B 95 26.47 -2.64 0.35
CA MET B 95 27.70 -3.33 -0.01
C MET B 95 27.40 -4.26 -1.18
N THR B 96 28.41 -4.48 -2.02
CA THR B 96 28.32 -5.39 -3.16
C THR B 96 29.51 -6.32 -3.15
N VAL B 97 29.27 -7.58 -3.48
CA VAL B 97 30.27 -8.65 -3.36
C VAL B 97 30.36 -9.41 -4.68
N PRO B 98 31.51 -10.01 -4.99
CA PRO B 98 31.62 -10.91 -6.14
C PRO B 98 31.06 -12.32 -5.94
N ASP B 99 30.24 -12.61 -4.91
CA ASP B 99 29.76 -13.98 -4.66
C ASP B 99 30.84 -15.07 -4.69
N VAL B 139 26.45 -16.52 4.13
CA VAL B 139 27.79 -17.03 4.33
C VAL B 139 28.80 -15.94 4.01
N GLY B 140 28.70 -15.39 2.81
CA GLY B 140 29.62 -14.35 2.42
C GLY B 140 29.49 -13.11 3.28
N LEU B 141 28.26 -12.72 3.60
CA LEU B 141 28.06 -11.47 4.33
C LEU B 141 28.78 -11.49 5.67
N ALA B 142 28.67 -12.60 6.40
CA ALA B 142 29.44 -12.71 7.62
C ALA B 142 30.93 -12.81 7.32
N GLY B 143 31.29 -13.49 6.22
CA GLY B 143 32.69 -13.72 5.92
C GLY B 143 33.51 -12.47 5.62
N TYR B 144 32.87 -11.41 5.15
CA TYR B 144 33.60 -10.17 4.86
C TYR B 144 34.06 -9.46 6.13
N PHE B 145 33.29 -9.59 7.21
CA PHE B 145 33.65 -9.02 8.50
C PHE B 145 34.66 -9.88 9.26
N MET B 146 35.11 -10.99 8.65
CA MET B 146 36.13 -11.83 9.24
C MET B 146 37.31 -10.98 9.71
N ASP B 147 37.76 -11.24 10.94
CA ASP B 147 38.94 -10.60 11.50
C ASP B 147 38.79 -9.08 11.58
N HIS B 148 37.58 -8.60 11.79
CA HIS B 148 37.31 -7.18 11.91
C HIS B 148 36.73 -6.86 13.28
N THR B 149 37.05 -5.68 13.77
CA THR B 149 36.61 -5.20 15.07
C THR B 149 35.89 -3.87 14.89
N VAL B 150 34.71 -3.74 15.48
CA VAL B 150 33.92 -2.53 15.35
C VAL B 150 33.98 -1.75 16.66
N ALA B 151 33.82 -0.44 16.55
CA ALA B 151 33.79 0.44 17.71
C ALA B 151 32.44 0.38 18.38
N PHE B 152 32.42 0.50 19.71
CA PHE B 152 31.16 0.48 20.43
C PHE B 152 30.22 1.59 19.94
N ARG B 153 30.79 2.75 19.62
CA ARG B 153 30.01 3.87 19.09
C ARG B 153 29.36 3.54 17.75
N ASP B 154 29.87 2.53 17.04
CA ASP B 154 29.34 2.17 15.74
C ASP B 154 28.23 1.13 15.81
N LEU B 155 28.02 0.52 16.97
CA LEU B 155 26.97 -0.48 17.10
C LEU B 155 25.60 0.19 17.16
N PRO B 156 24.60 -0.36 16.48
CA PRO B 156 24.67 -1.53 15.59
C PRO B 156 25.09 -1.18 14.16
N VAL B 157 25.75 -2.13 13.51
CA VAL B 157 26.14 -2.02 12.11
C VAL B 157 25.07 -2.68 11.28
N ARG B 158 24.47 -1.93 10.36
CA ARG B 158 23.41 -2.40 9.48
C ARG B 158 23.96 -2.38 8.06
N MET B 159 23.95 -3.51 7.40
CA MET B 159 24.48 -3.60 6.06
C MET B 159 23.38 -4.14 5.17
N VAL B 160 23.32 -3.66 3.94
CA VAL B 160 22.37 -4.17 2.96
C VAL B 160 23.16 -4.52 1.71
N CYS B 161 22.83 -5.67 1.12
CA CYS B 161 23.54 -6.16 -0.06
C CYS B 161 22.62 -6.81 -1.07
N SER B 162 22.71 -6.38 -2.32
CA SER B 162 22.02 -7.04 -3.43
C SER B 162 23.05 -7.85 -4.22
N SER B 163 22.75 -9.13 -4.45
CA SER B 163 23.75 -9.98 -5.09
C SER B 163 23.08 -11.14 -5.82
N THR B 164 23.86 -11.76 -6.72
CA THR B 164 23.43 -12.97 -7.42
C THR B 164 23.87 -14.21 -6.66
N CYS B 165 22.90 -15.06 -6.35
CA CYS B 165 23.08 -16.28 -5.58
C CYS B 165 22.86 -17.50 -6.45
N TYR B 166 23.61 -18.55 -6.13
CA TYR B 166 23.59 -19.82 -6.82
C TYR B 166 23.18 -20.90 -5.83
N ARG B 167 22.27 -21.77 -6.24
CA ARG B 167 21.85 -22.88 -5.39
C ARG B 167 21.85 -24.20 -6.14
N GLY B 178 8.60 -24.63 -12.67
CA GLY B 178 8.37 -23.27 -12.20
C GLY B 178 9.60 -22.42 -11.91
N LEU B 179 9.40 -21.18 -11.49
CA LEU B 179 10.53 -20.38 -11.04
C LEU B 179 10.94 -20.70 -9.61
N TYR B 180 10.35 -21.76 -9.02
CA TYR B 180 10.58 -22.02 -7.60
C TYR B 180 12.04 -22.33 -7.31
N ARG B 181 12.67 -23.14 -8.14
CA ARG B 181 14.05 -23.52 -7.89
C ARG B 181 14.81 -23.42 -9.21
N VAL B 182 15.47 -22.27 -9.40
CA VAL B 182 16.36 -22.05 -10.51
C VAL B 182 17.78 -22.02 -9.96
N HIS B 183 18.77 -22.07 -10.85
CA HIS B 183 20.14 -22.12 -10.35
C HIS B 183 20.68 -20.76 -9.97
N HIS B 184 20.27 -19.70 -10.65
CA HIS B 184 20.78 -18.37 -10.34
C HIS B 184 19.62 -17.42 -10.10
N PHE B 185 19.76 -16.55 -9.12
CA PHE B 185 18.72 -15.56 -8.87
C PHE B 185 19.26 -14.42 -8.03
N THR B 186 18.56 -13.31 -8.05
CA THR B 186 18.99 -12.13 -7.30
C THR B 186 18.28 -12.12 -5.95
N LYS B 187 19.03 -11.76 -4.92
CA LYS B 187 18.50 -11.65 -3.57
C LYS B 187 19.15 -10.46 -2.86
N VAL B 188 18.32 -9.73 -2.12
CA VAL B 188 18.75 -8.63 -1.25
C VAL B 188 18.76 -9.12 0.19
N GLU B 189 19.91 -8.98 0.85
CA GLU B 189 20.14 -9.46 2.21
C GLU B 189 20.45 -8.31 3.17
N MET B 190 20.01 -8.51 4.40
CA MET B 190 20.24 -7.62 5.52
C MET B 190 21.25 -8.30 6.46
N PHE B 191 22.19 -7.53 6.98
CA PHE B 191 23.18 -8.07 7.89
C PHE B 191 23.41 -7.10 9.04
N GLY B 192 23.49 -7.61 10.24
CA GLY B 192 23.66 -6.78 11.41
C GLY B 192 24.76 -7.28 12.32
N VAL B 193 25.50 -6.34 12.91
CA VAL B 193 26.50 -6.64 13.92
C VAL B 193 26.17 -5.74 15.10
N THR B 194 25.92 -6.32 16.26
CA THR B 194 25.37 -5.48 17.31
C THR B 194 26.07 -5.71 18.64
N GLY B 195 25.71 -4.85 19.59
CA GLY B 195 26.32 -4.77 20.90
C GLY B 195 26.22 -6.04 21.72
N PRO B 196 26.64 -5.98 22.97
CA PRO B 196 26.71 -7.21 23.78
C PRO B 196 25.35 -7.80 24.07
N GLY B 197 25.29 -9.12 23.96
CA GLY B 197 24.18 -9.99 24.32
C GLY B 197 22.81 -9.94 23.63
N LEU B 198 21.94 -10.78 24.23
CA LEU B 198 20.65 -11.10 23.63
C LEU B 198 19.75 -9.89 23.54
N GLU B 199 19.81 -8.98 24.51
CA GLU B 199 18.92 -7.81 24.42
C GLU B 199 19.18 -7.06 23.12
N GLN B 200 20.46 -6.80 22.84
CA GLN B 200 20.84 -6.03 21.66
C GLN B 200 20.51 -6.81 20.38
N SER B 201 20.92 -8.08 20.34
CA SER B 201 20.70 -8.85 19.12
C SER B 201 19.21 -9.07 18.86
N SER B 202 18.42 -9.27 19.92
CA SER B 202 17.00 -9.49 19.76
C SER B 202 16.29 -8.24 19.26
N GLN B 203 16.64 -7.07 19.80
CA GLN B 203 16.06 -5.85 19.26
C GLN B 203 16.37 -5.72 17.78
N LEU B 204 17.62 -6.01 17.40
CA LEU B 204 17.98 -5.91 15.98
C LEU B 204 17.20 -6.91 15.13
N LEU B 205 17.00 -8.13 15.63
CA LEU B 205 16.25 -9.12 14.86
C LEU B 205 14.81 -8.68 14.68
N GLU B 206 14.18 -8.14 15.73
CA GLU B 206 12.81 -7.68 15.60
C GLU B 206 12.71 -6.49 14.64
N GLU B 207 13.72 -5.63 14.63
CA GLU B 207 13.74 -4.56 13.65
C GLU B 207 13.76 -5.12 12.24
N PHE B 208 14.63 -6.12 12.00
CA PHE B 208 14.69 -6.73 10.67
C PHE B 208 13.35 -7.35 10.28
N LEU B 209 12.72 -8.06 11.22
CA LEU B 209 11.42 -8.66 10.94
C LEU B 209 10.37 -7.59 10.61
N SER B 210 10.37 -6.47 11.35
CA SER B 210 9.41 -5.42 11.07
C SER B 210 9.63 -4.83 9.69
N LEU B 211 10.89 -4.65 9.27
CA LEU B 211 11.13 -4.20 7.89
C LEU B 211 10.60 -5.21 6.89
N GLN B 212 10.81 -6.49 7.14
CA GLN B 212 10.29 -7.49 6.21
C GLN B 212 8.78 -7.39 6.12
N MET B 213 8.10 -7.28 7.27
CA MET B 213 6.65 -7.22 7.27
C MET B 213 6.15 -5.95 6.59
N GLU B 214 6.85 -4.82 6.80
CA GLU B 214 6.49 -3.57 6.15
C GLU B 214 6.58 -3.69 4.64
N ILE B 215 7.66 -4.31 4.14
CA ILE B 215 7.82 -4.50 2.70
C ILE B 215 6.68 -5.35 2.15
N LEU B 216 6.42 -6.50 2.79
CA LEU B 216 5.38 -7.37 2.27
C LEU B 216 4.00 -6.74 2.34
N THR B 217 3.74 -5.94 3.36
CA THR B 217 2.45 -5.27 3.42
C THR B 217 2.34 -4.22 2.33
N GLU B 218 3.39 -3.43 2.11
CA GLU B 218 3.30 -2.41 1.07
C GLU B 218 3.19 -3.03 -0.32
N LEU B 219 3.62 -4.28 -0.49
CA LEU B 219 3.41 -4.98 -1.74
C LEU B 219 2.03 -5.60 -1.82
N GLY B 220 1.24 -5.52 -0.75
CA GLY B 220 -0.13 -6.04 -0.78
C GLY B 220 -0.27 -7.55 -0.78
N LEU B 221 0.69 -8.26 -0.21
CA LEU B 221 0.61 -9.72 -0.13
C LEU B 221 0.02 -10.15 1.21
N HIS B 222 -0.64 -11.30 1.20
CA HIS B 222 -1.15 -11.91 2.41
C HIS B 222 -0.10 -12.90 2.91
N PHE B 223 0.28 -12.77 4.17
CA PHE B 223 1.37 -13.60 4.66
C PHE B 223 1.20 -13.89 6.13
N ARG B 224 2.02 -14.82 6.62
CA ARG B 224 2.06 -15.15 8.02
C ARG B 224 3.50 -15.29 8.48
N VAL B 225 3.77 -14.73 9.66
CA VAL B 225 5.07 -14.80 10.30
C VAL B 225 5.04 -15.92 11.31
N LEU B 226 6.01 -16.83 11.19
CA LEU B 226 6.09 -18.06 11.95
C LEU B 226 7.39 -18.10 12.74
N ASP B 227 7.31 -18.65 13.95
CA ASP B 227 8.43 -18.77 14.87
C ASP B 227 9.03 -20.15 14.71
N MET B 228 10.16 -20.23 14.01
CA MET B 228 10.85 -21.50 13.77
C MET B 228 11.49 -22.03 15.05
N PRO B 229 11.49 -23.34 15.26
CA PRO B 229 12.30 -23.91 16.35
C PRO B 229 13.78 -23.86 16.02
N THR B 230 14.58 -23.86 17.06
CA THR B 230 16.01 -23.74 16.80
C THR B 230 16.83 -24.82 17.50
N GLN B 231 16.50 -25.14 18.74
CA GLN B 231 17.17 -26.19 19.48
C GLN B 231 16.69 -27.58 19.07
N GLU B 232 15.69 -27.66 18.19
CA GLU B 232 15.17 -28.91 17.65
C GLU B 232 15.78 -28.99 16.25
N LEU B 233 16.80 -29.85 16.10
CA LEU B 233 17.67 -29.84 14.94
C LEU B 233 18.36 -28.48 14.95
N GLY B 234 18.82 -27.98 13.80
CA GLY B 234 19.40 -26.65 13.81
C GLY B 234 20.57 -26.56 14.76
N LEU B 235 20.58 -25.48 15.56
CA LEU B 235 21.46 -25.05 16.65
C LEU B 235 22.05 -23.67 16.40
N PRO B 236 22.63 -23.38 15.22
CA PRO B 236 23.28 -22.07 15.06
C PRO B 236 22.27 -20.93 14.89
N ALA B 237 21.38 -20.80 15.87
CA ALA B 237 20.38 -19.73 15.89
C ALA B 237 19.69 -19.72 17.26
N TYR B 238 19.56 -18.54 17.85
CA TYR B 238 18.85 -18.38 19.12
C TYR B 238 17.39 -18.10 18.88
N ARG B 239 17.06 -17.40 17.80
CA ARG B 239 15.70 -17.12 17.42
C ARG B 239 15.66 -17.03 15.90
N LYS B 240 14.59 -17.56 15.29
CA LYS B 240 14.46 -17.60 13.84
C LYS B 240 13.00 -17.36 13.44
N PHE B 241 12.76 -16.33 12.64
CA PHE B 241 11.44 -16.00 12.12
C PHE B 241 11.43 -16.26 10.63
N ASP B 242 10.41 -16.98 10.15
CA ASP B 242 10.18 -17.13 8.72
C ASP B 242 8.87 -16.47 8.34
N ILE B 243 8.78 -16.00 7.10
CA ILE B 243 7.55 -15.41 6.59
C ILE B 243 7.13 -16.20 5.37
N GLU B 244 5.87 -16.62 5.35
CA GLU B 244 5.30 -17.34 4.24
C GLU B 244 4.22 -16.46 3.59
N ALA B 245 4.32 -16.28 2.28
CA ALA B 245 3.33 -15.53 1.52
C ALA B 245 2.35 -16.50 0.88
N TRP B 246 1.09 -16.09 0.84
CA TRP B 246 0.05 -16.92 0.26
C TRP B 246 0.23 -17.02 -1.24
N MET B 247 0.14 -18.23 -1.78
CA MET B 247 0.27 -18.47 -3.22
C MET B 247 -0.98 -19.20 -3.69
N PRO B 248 -1.94 -18.47 -4.27
CA PRO B 248 -3.22 -19.08 -4.70
C PRO B 248 -3.06 -20.24 -5.67
N GLY B 249 -2.19 -20.09 -6.68
CA GLY B 249 -2.06 -21.15 -7.67
C GLY B 249 -1.57 -22.45 -7.07
N ARG B 250 -0.54 -22.37 -6.23
CA ARG B 250 -0.15 -23.54 -5.46
C ARG B 250 -1.17 -23.90 -4.41
N GLY B 251 -2.01 -22.95 -3.99
CA GLY B 251 -2.98 -23.23 -2.97
C GLY B 251 -2.40 -23.33 -1.58
N ARG B 252 -1.29 -22.63 -1.32
CA ARG B 252 -0.68 -22.79 0.00
C ARG B 252 0.29 -21.65 0.30
N PHE B 253 0.77 -21.65 1.54
CA PHE B 253 1.74 -20.65 1.96
C PHE B 253 3.15 -21.09 1.55
N GLY B 254 3.94 -20.13 1.09
CA GLY B 254 5.31 -20.41 0.70
C GLY B 254 6.29 -19.43 1.28
N GLU B 255 7.41 -19.93 1.82
CA GLU B 255 8.40 -19.06 2.44
C GLU B 255 8.97 -18.06 1.42
N VAL B 256 8.92 -16.78 1.77
CA VAL B 256 9.48 -15.74 0.93
C VAL B 256 10.63 -14.98 1.61
N THR B 257 10.71 -14.98 2.94
CA THR B 257 11.81 -14.32 3.64
C THR B 257 12.11 -15.10 4.91
N SER B 258 13.31 -14.90 5.42
CA SER B 258 13.73 -15.52 6.67
C SER B 258 14.59 -14.52 7.44
N ALA B 259 14.58 -14.65 8.77
CA ALA B 259 15.35 -13.78 9.66
C ALA B 259 15.78 -14.58 10.87
N SER B 260 17.08 -14.58 11.15
CA SER B 260 17.60 -15.36 12.26
C SER B 260 18.58 -14.50 13.05
N ASN B 261 18.59 -14.69 14.37
CA ASN B 261 19.59 -14.13 15.26
C ASN B 261 20.65 -15.18 15.55
N CYS B 262 21.85 -15.01 14.99
CA CYS B 262 22.90 -16.01 15.17
C CYS B 262 23.84 -15.69 16.33
N THR B 263 23.57 -14.62 17.09
CA THR B 263 24.37 -14.24 18.26
C THR B 263 25.88 -14.34 18.01
N ASP B 264 26.60 -15.14 18.80
CA ASP B 264 28.05 -15.20 18.68
C ASP B 264 28.55 -16.43 17.93
N PHE B 265 27.67 -17.13 17.20
CA PHE B 265 28.12 -18.28 16.43
C PHE B 265 29.06 -17.82 15.31
N GLN B 266 28.57 -16.90 14.46
CA GLN B 266 29.41 -16.43 13.37
C GLN B 266 30.58 -15.61 13.89
N SER B 267 30.37 -14.81 14.93
CA SER B 267 31.49 -13.99 15.41
C SER B 267 32.60 -14.86 16.01
N ARG B 268 32.24 -15.93 16.74
CA ARG B 268 33.28 -16.75 17.34
C ARG B 268 34.01 -17.56 16.30
N ARG B 269 33.35 -17.88 15.18
CA ARG B 269 34.08 -18.61 14.16
C ARG B 269 34.85 -17.71 13.19
N LEU B 270 34.43 -16.46 13.01
CA LEU B 270 35.04 -15.54 12.06
C LEU B 270 35.79 -14.39 12.72
N HIS B 271 35.88 -14.39 14.05
CA HIS B 271 36.55 -13.34 14.82
C HIS B 271 35.99 -11.96 14.46
N ILE B 272 34.69 -11.82 14.61
CA ILE B 272 33.99 -10.56 14.43
C ILE B 272 33.84 -9.97 15.83
N MET B 273 34.67 -8.99 16.18
CA MET B 273 34.72 -8.45 17.53
C MET B 273 34.13 -7.05 17.60
N PHE B 274 33.81 -6.62 18.82
CA PHE B 274 33.49 -5.23 19.10
C PHE B 274 34.24 -4.83 20.36
N GLN B 275 34.62 -3.57 20.41
CA GLN B 275 35.41 -3.04 21.51
C GLN B 275 34.48 -2.38 22.52
N THR B 276 34.54 -2.82 23.77
CA THR B 276 33.67 -2.23 24.78
C THR B 276 34.12 -0.81 25.10
N GLU B 277 33.28 -0.13 25.87
CA GLU B 277 33.64 1.21 26.32
C GLU B 277 34.90 1.16 27.19
N ALA B 278 34.97 0.17 28.08
CA ALA B 278 36.14 0.01 28.96
C ALA B 278 37.41 -0.32 28.19
N GLY B 279 37.30 -0.87 26.98
CA GLY B 279 38.44 -1.25 26.18
C GLY B 279 38.65 -2.73 26.00
N GLU B 280 37.69 -3.58 26.35
CA GLU B 280 37.81 -5.01 26.16
C GLU B 280 37.31 -5.33 24.75
N LEU B 281 37.90 -6.33 24.11
CA LEU B 281 37.36 -6.87 22.88
C LEU B 281 36.52 -8.09 23.18
N GLN B 282 35.31 -8.14 22.65
CA GLN B 282 34.43 -9.26 22.87
C GLN B 282 33.77 -9.66 21.56
N PHE B 283 33.38 -10.92 21.47
CA PHE B 283 32.71 -11.39 20.27
C PHE B 283 31.35 -10.68 20.13
N ALA B 284 31.11 -10.09 18.96
CA ALA B 284 29.88 -9.36 18.75
C ALA B 284 28.74 -10.33 18.46
N HIS B 285 27.55 -9.80 18.25
CA HIS B 285 26.40 -10.59 17.83
C HIS B 285 26.04 -10.25 16.40
N THR B 286 25.65 -11.28 15.66
CA THR B 286 25.27 -11.15 14.25
C THR B 286 23.81 -11.55 14.08
N VAL B 287 23.14 -10.83 13.19
CA VAL B 287 21.75 -11.03 12.82
C VAL B 287 21.65 -11.04 11.30
N ASN B 288 20.89 -11.99 10.77
CA ASN B 288 20.73 -12.16 9.33
C ASN B 288 19.25 -12.15 9.00
N ALA B 289 18.94 -11.62 7.82
CA ALA B 289 17.55 -11.55 7.39
C ALA B 289 17.49 -11.32 5.89
N THR B 290 16.64 -12.11 5.23
CA THR B 290 16.34 -11.86 3.82
C THR B 290 15.44 -10.64 3.69
N ALA B 291 15.87 -9.70 2.85
CA ALA B 291 15.09 -8.52 2.53
C ALA B 291 14.25 -8.72 1.28
N CYS B 292 14.73 -9.55 0.35
CA CYS B 292 13.95 -9.83 -0.86
C CYS B 292 14.51 -11.06 -1.57
N ALA B 293 13.67 -12.07 -1.78
CA ALA B 293 13.99 -13.19 -2.66
C ALA B 293 13.03 -13.07 -3.85
N VAL B 294 13.57 -12.68 -5.02
CA VAL B 294 12.72 -12.33 -6.16
C VAL B 294 11.88 -13.49 -6.67
N PRO B 295 12.44 -14.68 -6.93
CA PRO B 295 11.57 -15.77 -7.45
C PRO B 295 10.30 -15.98 -6.62
N ARG B 296 10.43 -16.16 -5.30
CA ARG B 296 9.25 -16.46 -4.50
C ARG B 296 8.27 -15.28 -4.44
N LEU B 297 8.79 -14.05 -4.41
CA LEU B 297 7.88 -12.90 -4.41
C LEU B 297 7.19 -12.73 -5.74
N LEU B 298 7.87 -12.97 -6.86
CA LEU B 298 7.17 -12.93 -8.14
C LEU B 298 6.07 -13.95 -8.18
N ILE B 299 6.34 -15.15 -7.68
CA ILE B 299 5.31 -16.19 -7.68
C ILE B 299 4.10 -15.71 -6.89
N ALA B 300 4.35 -15.20 -5.67
CA ALA B 300 3.25 -14.74 -4.83
C ALA B 300 2.48 -13.60 -5.50
N LEU B 301 3.20 -12.62 -6.07
CA LEU B 301 2.53 -11.48 -6.69
C LEU B 301 1.71 -11.88 -7.89
N LEU B 302 2.30 -12.66 -8.80
CA LEU B 302 1.56 -13.04 -10.00
C LEU B 302 0.33 -13.83 -9.63
N GLU B 303 0.46 -14.79 -8.71
CA GLU B 303 -0.68 -15.62 -8.39
C GLU B 303 -1.71 -14.87 -7.55
N SER B 304 -1.29 -13.88 -6.78
CA SER B 304 -2.22 -13.15 -5.92
C SER B 304 -2.94 -12.03 -6.65
N ASN B 305 -2.28 -11.37 -7.60
CA ASN B 305 -2.87 -10.25 -8.30
C ASN B 305 -3.46 -10.63 -9.65
N GLN B 306 -3.53 -11.94 -9.94
CA GLN B 306 -4.09 -12.39 -11.21
C GLN B 306 -5.56 -12.06 -11.29
N GLN B 307 -6.02 -11.79 -12.51
CA GLN B 307 -7.41 -11.50 -12.80
C GLN B 307 -8.01 -12.63 -13.62
N LYS B 308 -9.34 -12.60 -13.80
CA LYS B 308 -10.00 -13.62 -14.60
C LYS B 308 -9.50 -13.59 -16.04
N ASP B 309 -9.16 -12.40 -16.54
CA ASP B 309 -8.66 -12.20 -17.89
C ASP B 309 -7.23 -12.68 -18.05
N GLY B 310 -6.58 -13.15 -16.99
CA GLY B 310 -5.19 -13.53 -17.12
C GLY B 310 -4.26 -12.35 -17.05
N SER B 311 -4.78 -11.18 -16.64
CA SER B 311 -4.05 -9.92 -16.72
C SER B 311 -2.97 -9.78 -15.66
N VAL B 312 -3.37 -9.76 -14.38
CA VAL B 312 -2.50 -9.52 -13.23
C VAL B 312 -2.35 -8.01 -13.01
N LEU B 313 -2.84 -7.55 -11.86
CA LEU B 313 -2.70 -6.17 -11.44
C LEU B 313 -1.31 -5.94 -10.87
N VAL B 314 -0.84 -4.70 -11.03
CA VAL B 314 0.49 -4.31 -10.57
C VAL B 314 0.33 -3.56 -9.26
N PRO B 315 0.99 -3.99 -8.19
CA PRO B 315 0.93 -3.25 -6.93
C PRO B 315 1.39 -1.82 -7.12
N PRO B 316 0.76 -0.87 -6.42
CA PRO B 316 1.19 0.53 -6.59
C PRO B 316 2.67 0.77 -6.35
N ALA B 317 3.29 0.09 -5.39
CA ALA B 317 4.73 0.31 -5.15
C ALA B 317 5.54 -0.02 -6.39
N LEU B 318 5.07 -0.92 -7.24
CA LEU B 318 5.81 -1.33 -8.42
C LEU B 318 5.35 -0.65 -9.70
N GLN B 319 4.28 0.16 -9.62
CA GLN B 319 3.79 0.81 -10.83
C GLN B 319 4.80 1.78 -11.41
N SER B 320 5.63 2.38 -10.56
CA SER B 320 6.66 3.28 -11.07
C SER B 320 7.56 2.54 -12.04
N TYR B 321 8.00 1.34 -11.66
CA TYR B 321 8.96 0.61 -12.49
C TYR B 321 8.26 -0.04 -13.68
N LEU B 322 7.01 -0.43 -13.54
CA LEU B 322 6.34 -1.06 -14.69
C LEU B 322 5.68 -0.07 -15.63
N GLY B 323 5.41 1.15 -15.18
CA GLY B 323 4.76 2.09 -16.07
C GLY B 323 3.30 1.80 -16.34
N THR B 324 2.69 0.88 -15.59
CA THR B 324 1.29 0.53 -15.78
C THR B 324 0.76 -0.11 -14.51
N ASP B 325 -0.56 -0.15 -14.39
CA ASP B 325 -1.21 -0.82 -13.27
C ASP B 325 -1.74 -2.21 -13.62
N ARG B 326 -1.57 -2.65 -14.88
CA ARG B 326 -2.02 -3.98 -15.28
C ARG B 326 -1.24 -4.49 -16.48
N ILE B 327 -0.75 -5.72 -16.37
CA ILE B 327 -0.07 -6.41 -17.46
C ILE B 327 -1.12 -7.09 -18.33
N THR B 328 -1.11 -6.83 -19.64
CA THR B 328 -2.25 -7.23 -20.45
C THR B 328 -1.96 -8.17 -21.61
N ALA B 329 -0.74 -8.72 -21.71
CA ALA B 329 -0.35 -9.69 -22.74
C ALA B 329 -0.28 -9.05 -24.12
N PRO B 330 0.68 -9.45 -24.96
CA PRO B 330 0.85 -8.80 -26.26
C PRO B 330 -0.19 -9.31 -27.24
N THR B 331 -0.31 -8.58 -28.35
CA THR B 331 -1.22 -8.93 -29.43
C THR B 331 -0.67 -10.04 -30.33
N SER C 17 8.23 3.49 33.58
CA SER C 17 8.37 4.93 33.76
C SER C 17 8.04 5.70 32.48
N GLN C 18 8.93 5.66 31.50
CA GLN C 18 8.77 6.35 30.23
C GLN C 18 8.48 5.36 29.10
N ALA C 19 7.74 5.85 28.10
CA ALA C 19 7.33 5.02 26.97
C ALA C 19 8.53 4.50 26.17
N ARG C 20 8.44 3.23 25.78
CA ARG C 20 9.47 2.57 24.98
C ARG C 20 9.01 2.50 23.53
N VAL C 21 9.88 2.89 22.60
CA VAL C 21 9.59 2.75 21.18
C VAL C 21 9.80 1.29 20.77
N LEU C 22 8.72 0.60 20.38
CA LEU C 22 8.83 -0.80 20.02
C LEU C 22 9.04 -1.04 18.53
N HIS C 23 8.52 -0.15 17.68
CA HIS C 23 8.59 -0.32 16.23
C HIS C 23 8.56 1.03 15.54
N MET C 24 9.34 1.16 14.48
CA MET C 24 9.25 2.26 13.52
C MET C 24 8.78 1.70 12.19
N VAL C 25 7.79 2.34 11.56
CA VAL C 25 7.31 1.90 10.27
C VAL C 25 7.25 3.10 9.34
N GLY C 26 7.76 2.92 8.11
CA GLY C 26 7.79 3.97 7.13
C GLY C 26 8.96 4.92 7.35
N ASP C 27 8.92 6.03 6.60
CA ASP C 27 9.93 7.07 6.67
C ASP C 27 9.24 8.43 6.67
N LYS C 28 9.91 9.42 7.22
CA LYS C 28 9.37 10.76 7.17
C LYS C 28 9.29 11.22 5.72
N PRO C 29 8.18 11.79 5.28
CA PRO C 29 8.11 12.29 3.92
C PRO C 29 9.10 13.43 3.71
N VAL C 30 9.64 13.49 2.49
CA VAL C 30 10.61 14.51 2.08
C VAL C 30 9.87 15.60 1.33
N PHE C 31 10.10 16.85 1.72
CA PHE C 31 9.48 18.00 1.07
C PHE C 31 10.55 18.94 0.54
N SER C 32 10.27 19.54 -0.62
CA SER C 32 11.10 20.60 -1.19
C SER C 32 10.67 21.98 -0.71
N PHE C 33 9.70 22.04 0.20
CA PHE C 33 9.11 23.27 0.72
C PHE C 33 8.78 23.06 2.18
N GLN C 34 8.36 24.14 2.84
CA GLN C 34 7.95 24.05 4.23
C GLN C 34 6.57 23.40 4.31
N PRO C 35 6.42 22.25 4.98
CA PRO C 35 5.10 21.60 5.07
C PRO C 35 4.07 22.48 5.74
N ARG C 36 2.86 22.46 5.20
CA ARG C 36 1.76 23.27 5.72
C ARG C 36 0.95 22.50 6.76
N GLY C 37 0.18 23.25 7.54
CA GLY C 37 -0.73 22.64 8.49
C GLY C 37 -1.99 22.14 7.81
N HIS C 38 -2.67 21.21 8.48
CA HIS C 38 -3.88 20.61 7.90
C HIS C 38 -4.97 21.66 7.65
N LEU C 39 -5.07 22.69 8.50
CA LEU C 39 -6.07 23.72 8.27
C LEU C 39 -5.79 24.52 7.00
N GLU C 40 -4.52 24.87 6.77
CA GLU C 40 -4.17 25.58 5.54
C GLU C 40 -4.51 24.74 4.33
N ILE C 41 -4.17 23.45 4.38
CA ILE C 41 -4.44 22.53 3.28
C ILE C 41 -5.94 22.43 3.00
N GLY C 42 -6.73 22.26 4.08
CA GLY C 42 -8.16 22.13 3.92
C GLY C 42 -8.81 23.40 3.36
N GLU C 43 -8.36 24.57 3.84
CA GLU C 43 -8.92 25.81 3.33
C GLU C 43 -8.56 26.00 1.86
N LYS C 44 -7.33 25.66 1.47
CA LYS C 44 -6.95 25.79 0.07
C LYS C 44 -7.76 24.85 -0.82
N LEU C 45 -8.05 23.64 -0.34
CA LEU C 45 -8.77 22.66 -1.13
C LEU C 45 -10.29 22.72 -0.96
N ASP C 46 -10.79 23.59 -0.09
CA ASP C 46 -12.22 23.70 0.25
C ASP C 46 -12.82 22.36 0.70
N ILE C 47 -12.07 21.65 1.53
CA ILE C 47 -12.55 20.43 2.19
C ILE C 47 -12.77 20.64 3.68
N ILE C 48 -12.32 21.77 4.22
CA ILE C 48 -12.52 22.15 5.61
C ILE C 48 -12.98 23.60 5.65
N ARG C 49 -13.98 23.89 6.49
CA ARG C 49 -14.55 25.23 6.58
C ARG C 49 -14.74 25.60 8.04
N GLN C 50 -14.11 26.71 8.44
CA GLN C 50 -14.06 27.26 9.79
C GLN C 50 -13.71 26.20 10.82
N SER C 65 -16.71 26.04 15.47
CA SER C 65 -17.41 25.21 14.50
C SER C 65 -16.40 24.59 13.52
N TYR C 66 -16.77 23.43 12.97
CA TYR C 66 -15.93 22.69 12.03
C TYR C 66 -16.82 21.93 11.07
N TYR C 67 -16.38 21.84 9.83
CA TYR C 67 -17.23 21.28 8.79
C TYR C 67 -16.36 20.75 7.65
N LEU C 68 -16.64 19.51 7.24
CA LEU C 68 -15.91 18.89 6.14
C LEU C 68 -16.82 18.82 4.93
N ARG C 69 -16.28 19.11 3.76
CA ARG C 69 -17.10 19.20 2.56
C ARG C 69 -16.39 18.47 1.43
N GLY C 70 -17.17 17.81 0.59
CA GLY C 70 -16.61 17.16 -0.58
C GLY C 70 -15.57 16.11 -0.23
N ALA C 71 -14.34 16.30 -0.75
CA ALA C 71 -13.32 15.28 -0.57
C ALA C 71 -13.01 15.01 0.91
N GLY C 72 -13.18 16.01 1.78
CA GLY C 72 -12.95 15.78 3.21
C GLY C 72 -13.95 14.83 3.82
N ALA C 73 -15.24 15.03 3.52
CA ALA C 73 -16.26 14.11 4.01
C ALA C 73 -16.07 12.72 3.42
N LEU C 74 -15.69 12.64 2.14
CA LEU C 74 -15.41 11.34 1.55
C LEU C 74 -14.18 10.69 2.18
N LEU C 75 -13.21 11.49 2.62
CA LEU C 75 -12.05 10.94 3.34
C LEU C 75 -12.48 10.33 4.66
N GLN C 76 -13.31 11.03 5.42
CA GLN C 76 -13.84 10.43 6.65
C GLN C 76 -14.59 9.14 6.34
N HIS C 77 -15.49 9.20 5.35
CA HIS C 77 -16.30 8.05 4.98
C HIS C 77 -15.40 6.89 4.55
N GLY C 78 -14.37 7.19 3.75
CA GLY C 78 -13.47 6.16 3.28
C GLY C 78 -12.62 5.54 4.36
N LEU C 79 -12.09 6.35 5.29
CA LEU C 79 -11.33 5.79 6.39
C LEU C 79 -12.19 4.85 7.22
N VAL C 80 -13.40 5.31 7.59
CA VAL C 80 -14.28 4.50 8.42
C VAL C 80 -14.63 3.19 7.72
N ASN C 81 -15.04 3.28 6.44
CA ASN C 81 -15.45 2.07 5.71
C ASN C 81 -14.27 1.14 5.46
N PHE C 82 -13.08 1.68 5.18
CA PHE C 82 -11.92 0.85 4.93
C PHE C 82 -11.55 0.04 6.17
N THR C 83 -11.48 0.71 7.33
CA THR C 83 -11.17 0.01 8.57
C THR C 83 -12.26 -0.99 8.95
N PHE C 84 -13.52 -0.57 8.85
CA PHE C 84 -14.64 -1.42 9.24
C PHE C 84 -14.72 -2.65 8.33
N ASN C 85 -14.53 -2.48 7.03
CA ASN C 85 -14.55 -3.60 6.09
C ASN C 85 -13.40 -4.56 6.33
N LYS C 86 -12.19 -4.04 6.59
CA LYS C 86 -11.07 -4.94 6.87
C LYS C 86 -11.36 -5.78 8.12
N LEU C 87 -11.87 -5.14 9.17
CA LEU C 87 -12.18 -5.89 10.40
C LEU C 87 -13.32 -6.86 10.18
N LEU C 88 -14.28 -6.54 9.30
CA LEU C 88 -15.29 -7.53 8.94
C LEU C 88 -14.65 -8.73 8.25
N ARG C 89 -13.70 -8.49 7.34
CA ARG C 89 -13.03 -9.61 6.68
C ARG C 89 -12.20 -10.44 7.63
N ARG C 90 -11.83 -9.89 8.80
CA ARG C 90 -11.04 -10.66 9.75
C ARG C 90 -11.89 -11.42 10.76
N GLY C 91 -13.21 -11.38 10.62
CA GLY C 91 -14.09 -12.12 11.50
C GLY C 91 -14.69 -11.34 12.66
N PHE C 92 -14.51 -10.03 12.71
CA PHE C 92 -15.06 -9.24 13.80
C PHE C 92 -16.57 -9.10 13.62
N THR C 93 -17.30 -9.22 14.72
CA THR C 93 -18.76 -9.10 14.65
C THR C 93 -19.16 -7.63 14.70
N PRO C 94 -19.92 -7.13 13.72
CA PRO C 94 -20.30 -5.72 13.74
C PRO C 94 -21.36 -5.41 14.78
N MET C 95 -21.28 -4.19 15.31
CA MET C 95 -22.22 -3.69 16.30
C MET C 95 -22.43 -2.19 16.09
N THR C 96 -23.62 -1.71 16.45
CA THR C 96 -23.97 -0.30 16.33
C THR C 96 -24.51 0.20 17.67
N VAL C 97 -24.12 1.42 18.05
CA VAL C 97 -24.39 1.92 19.40
C VAL C 97 -25.11 3.26 19.45
N PRO C 98 -25.97 3.49 20.45
CA PRO C 98 -26.39 4.85 20.79
C PRO C 98 -25.31 5.52 21.65
N ASP C 99 -25.44 6.83 21.80
CA ASP C 99 -24.43 7.60 22.50
C ASP C 99 -24.77 7.86 23.96
N VAL C 139 -16.01 2.39 27.40
CA VAL C 139 -17.01 2.28 28.45
C VAL C 139 -18.21 1.48 27.95
N GLY C 140 -18.79 1.93 26.83
CA GLY C 140 -19.96 1.24 26.29
C GLY C 140 -19.66 -0.18 25.87
N LEU C 141 -18.52 -0.39 25.20
CA LEU C 141 -18.18 -1.74 24.74
C LEU C 141 -18.02 -2.70 25.90
N ALA C 142 -17.34 -2.26 26.97
CA ALA C 142 -17.22 -3.09 28.17
C ALA C 142 -18.57 -3.27 28.84
N GLY C 143 -19.39 -2.21 28.85
CA GLY C 143 -20.71 -2.28 29.47
C GLY C 143 -21.61 -3.30 28.81
N TYR C 144 -21.33 -3.67 27.57
CA TYR C 144 -22.14 -4.67 26.87
C TYR C 144 -22.08 -6.08 27.43
N PHE C 145 -20.91 -6.53 27.80
CA PHE C 145 -20.84 -7.91 28.26
C PHE C 145 -21.23 -8.03 29.72
N MET C 146 -21.65 -6.92 30.33
CA MET C 146 -22.21 -6.91 31.67
C MET C 146 -23.25 -8.00 31.84
N ASP C 147 -23.11 -8.79 32.90
CA ASP C 147 -24.06 -9.83 33.28
C ASP C 147 -24.24 -10.86 32.16
N HIS C 148 -23.20 -11.03 31.34
CA HIS C 148 -23.21 -11.99 30.25
C HIS C 148 -22.04 -12.96 30.39
N THR C 149 -22.29 -14.21 29.97
CA THR C 149 -21.33 -15.29 30.02
C THR C 149 -21.15 -15.85 28.62
N VAL C 150 -19.91 -16.04 28.20
CA VAL C 150 -19.62 -16.59 26.88
C VAL C 150 -19.13 -18.01 27.02
N ALA C 151 -19.35 -18.80 25.97
CA ALA C 151 -18.92 -20.19 25.94
C ALA C 151 -17.44 -20.28 25.67
N PHE C 152 -16.80 -21.29 26.26
CA PHE C 152 -15.38 -21.51 26.02
C PHE C 152 -15.10 -21.70 24.53
N ARG C 153 -16.02 -22.36 23.83
CA ARG C 153 -15.91 -22.56 22.38
C ARG C 153 -15.92 -21.24 21.61
N ASP C 154 -16.44 -20.17 22.20
CA ASP C 154 -16.57 -18.89 21.52
C ASP C 154 -15.35 -17.99 21.71
N LEU C 155 -14.44 -18.35 22.60
CA LEU C 155 -13.27 -17.55 22.86
C LEU C 155 -12.26 -17.70 21.72
N PRO C 156 -11.65 -16.61 21.24
CA PRO C 156 -11.90 -15.22 21.62
C PRO C 156 -13.09 -14.62 20.86
N VAL C 157 -13.80 -13.71 21.50
CA VAL C 157 -14.89 -12.96 20.91
C VAL C 157 -14.33 -11.62 20.44
N ARG C 158 -14.50 -11.34 19.15
CA ARG C 158 -14.02 -10.12 18.50
C ARG C 158 -15.23 -9.31 18.06
N MET C 159 -15.28 -8.06 18.49
CA MET C 159 -16.38 -7.16 18.16
C MET C 159 -15.80 -5.89 17.53
N VAL C 160 -16.51 -5.33 16.55
CA VAL C 160 -16.12 -4.08 15.90
C VAL C 160 -17.32 -3.15 15.89
N CYS C 161 -17.09 -1.87 16.22
CA CYS C 161 -18.19 -0.92 16.28
C CYS C 161 -17.75 0.50 15.92
N SER C 162 -18.51 1.18 15.06
CA SER C 162 -18.27 2.59 14.73
C SER C 162 -19.24 3.48 15.49
N SER C 163 -18.72 4.52 16.16
CA SER C 163 -19.52 5.34 17.05
C SER C 163 -18.99 6.77 17.14
N THR C 164 -19.88 7.67 17.60
CA THR C 164 -19.56 9.07 17.86
C THR C 164 -19.15 9.27 19.32
N CYS C 165 -18.02 9.95 19.53
CA CYS C 165 -17.46 10.22 20.84
C CYS C 165 -17.54 11.71 21.15
N TYR C 166 -17.74 12.01 22.43
CA TYR C 166 -17.94 13.35 22.96
C TYR C 166 -16.84 13.70 23.95
N ARG C 167 -16.26 14.88 23.78
CA ARG C 167 -15.26 15.38 24.73
C ARG C 167 -15.53 16.84 25.10
N GLY C 178 -7.38 23.84 15.00
CA GLY C 178 -7.25 22.61 14.24
C GLY C 178 -8.24 21.53 14.66
N LEU C 179 -8.26 20.43 13.93
CA LEU C 179 -9.12 19.29 14.24
C LEU C 179 -8.50 18.36 15.27
N TYR C 180 -7.37 18.77 15.86
CA TYR C 180 -6.66 17.92 16.82
C TYR C 180 -7.52 17.63 18.04
N ARG C 181 -8.24 18.63 18.53
CA ARG C 181 -9.08 18.50 19.72
C ARG C 181 -10.44 19.15 19.44
N VAL C 182 -11.39 18.34 18.98
CA VAL C 182 -12.75 18.79 18.76
C VAL C 182 -13.65 18.19 19.82
N HIS C 183 -14.88 18.67 19.87
CA HIS C 183 -15.82 18.18 20.87
C HIS C 183 -16.47 16.86 20.47
N HIS C 184 -16.63 16.61 19.18
CA HIS C 184 -17.30 15.41 18.70
C HIS C 184 -16.49 14.79 17.57
N PHE C 185 -16.40 13.46 17.55
CA PHE C 185 -15.69 12.82 16.45
C PHE C 185 -16.04 11.35 16.35
N THR C 186 -15.83 10.79 15.16
CA THR C 186 -16.17 9.41 14.87
C THR C 186 -14.97 8.50 15.03
N LYS C 187 -15.19 7.33 15.64
CA LYS C 187 -14.14 6.33 15.85
C LYS C 187 -14.71 4.94 15.63
N VAL C 188 -13.89 4.09 15.02
CA VAL C 188 -14.16 2.66 14.91
C VAL C 188 -13.32 1.96 15.96
N GLU C 189 -13.98 1.18 16.83
CA GLU C 189 -13.38 0.55 17.99
C GLU C 189 -13.46 -0.97 17.92
N MET C 190 -12.43 -1.60 18.48
CA MET C 190 -12.30 -3.04 18.60
C MET C 190 -12.51 -3.45 20.05
N PHE C 191 -13.18 -4.58 20.25
CA PHE C 191 -13.35 -5.09 21.61
C PHE C 191 -13.15 -6.60 21.61
N GLY C 192 -12.46 -7.11 22.61
CA GLY C 192 -12.16 -8.53 22.69
C GLY C 192 -12.50 -9.10 24.05
N VAL C 193 -12.99 -10.33 24.05
CA VAL C 193 -13.22 -11.11 25.26
C VAL C 193 -12.56 -12.46 25.05
N THR C 194 -11.62 -12.83 25.92
CA THR C 194 -10.79 -13.97 25.58
C THR C 194 -10.69 -14.94 26.75
N GLY C 195 -10.03 -16.06 26.49
CA GLY C 195 -9.87 -17.18 27.40
C GLY C 195 -9.13 -16.84 28.67
N PRO C 196 -8.83 -17.87 29.47
CA PRO C 196 -8.18 -17.63 30.76
C PRO C 196 -6.78 -17.04 30.64
N GLY C 197 -6.49 -16.09 31.51
CA GLY C 197 -5.20 -15.45 31.74
C GLY C 197 -4.47 -14.63 30.68
N LEU C 198 -3.25 -14.27 31.11
CA LEU C 198 -2.41 -13.33 30.37
C LEU C 198 -2.02 -13.88 29.02
N GLU C 199 -1.83 -15.19 28.91
CA GLU C 199 -1.45 -15.76 27.61
C GLU C 199 -2.50 -15.42 26.56
N GLN C 200 -3.77 -15.67 26.88
CA GLN C 200 -4.86 -15.45 25.94
C GLN C 200 -5.02 -13.96 25.66
N SER C 201 -5.07 -13.14 26.73
CA SER C 201 -5.31 -11.71 26.54
C SER C 201 -4.15 -11.04 25.81
N SER C 202 -2.92 -11.47 26.08
CA SER C 202 -1.75 -10.88 25.42
C SER C 202 -1.69 -11.26 23.94
N GLN C 203 -2.02 -12.50 23.60
CA GLN C 203 -2.10 -12.83 22.18
C GLN C 203 -3.14 -11.97 21.47
N LEU C 204 -4.33 -11.82 22.09
CA LEU C 204 -5.36 -10.99 21.45
C LEU C 204 -4.91 -9.54 21.31
N LEU C 205 -4.23 -9.01 22.34
CA LEU C 205 -3.74 -7.64 22.25
C LEU C 205 -2.71 -7.50 21.12
N GLU C 206 -1.83 -8.49 20.97
CA GLU C 206 -0.85 -8.44 19.88
C GLU C 206 -1.53 -8.50 18.51
N GLU C 207 -2.60 -9.28 18.40
CA GLU C 207 -3.38 -9.33 17.16
C GLU C 207 -3.97 -7.96 16.83
N PHE C 208 -4.55 -7.32 17.85
CA PHE C 208 -5.14 -6.00 17.64
C PHE C 208 -4.08 -4.98 17.23
N LEU C 209 -2.92 -5.01 17.88
CA LEU C 209 -1.84 -4.10 17.52
C LEU C 209 -1.39 -4.35 16.09
N SER C 210 -1.32 -5.63 15.69
CA SER C 210 -0.95 -5.94 14.31
C SER C 210 -1.98 -5.39 13.33
N LEU C 211 -3.26 -5.48 13.66
CA LEU C 211 -4.28 -4.88 12.79
C LEU C 211 -4.10 -3.38 12.69
N GLN C 212 -3.81 -2.72 13.81
CA GLN C 212 -3.60 -1.27 13.75
C GLN C 212 -2.41 -0.93 12.87
N MET C 213 -1.30 -1.66 13.01
CA MET C 213 -0.12 -1.39 12.21
C MET C 213 -0.39 -1.66 10.73
N GLU C 214 -1.13 -2.73 10.42
CA GLU C 214 -1.48 -3.05 9.04
C GLU C 214 -2.30 -1.91 8.41
N ILE C 215 -3.31 -1.42 9.14
CA ILE C 215 -4.14 -0.33 8.64
C ILE C 215 -3.29 0.91 8.36
N LEU C 216 -2.44 1.30 9.32
CA LEU C 216 -1.63 2.49 9.10
C LEU C 216 -0.60 2.30 7.99
N THR C 217 -0.04 1.09 7.84
CA THR C 217 0.92 0.87 6.77
C THR C 217 0.26 0.94 5.39
N GLU C 218 -0.93 0.33 5.25
CA GLU C 218 -1.62 0.38 3.96
C GLU C 218 -2.10 1.78 3.61
N LEU C 219 -2.22 2.67 4.59
CA LEU C 219 -2.52 4.07 4.34
C LEU C 219 -1.26 4.87 4.05
N GLY C 220 -0.08 4.25 4.15
CA GLY C 220 1.17 4.90 3.82
C GLY C 220 1.64 5.93 4.82
N LEU C 221 1.28 5.79 6.09
CA LEU C 221 1.67 6.73 7.11
C LEU C 221 2.95 6.27 7.79
N HIS C 222 3.74 7.23 8.24
CA HIS C 222 4.94 6.96 9.01
C HIS C 222 4.57 7.01 10.49
N PHE C 223 4.87 5.94 11.23
CA PHE C 223 4.41 5.91 12.62
C PHE C 223 5.39 5.14 13.49
N ARG C 224 5.17 5.27 14.80
CA ARG C 224 5.95 4.57 15.81
C ARG C 224 5.03 3.99 16.87
N VAL C 225 5.34 2.78 17.29
CA VAL C 225 4.59 2.08 18.33
C VAL C 225 5.32 2.25 19.64
N LEU C 226 4.60 2.68 20.67
CA LEU C 226 5.15 2.98 21.98
C LEU C 226 4.53 2.06 23.01
N ASP C 227 5.36 1.60 23.94
CA ASP C 227 4.91 0.73 25.03
C ASP C 227 4.68 1.67 26.21
N MET C 228 3.41 2.00 26.45
CA MET C 228 3.06 2.91 27.52
C MET C 228 3.24 2.25 28.88
N PRO C 229 3.65 3.00 29.90
CA PRO C 229 3.64 2.46 31.27
C PRO C 229 2.22 2.25 31.79
N THR C 230 2.12 1.36 32.74
CA THR C 230 0.84 0.94 33.31
C THR C 230 0.82 1.04 34.82
N GLN C 231 1.91 0.67 35.49
CA GLN C 231 2.02 0.76 36.93
C GLN C 231 2.24 2.19 37.39
N GLU C 232 2.41 3.12 36.46
CA GLU C 232 2.62 4.53 36.71
C GLU C 232 1.38 5.32 36.31
N LEU C 233 1.16 6.43 37.01
CA LEU C 233 -0.01 7.29 36.85
C LEU C 233 -1.32 6.61 37.27
N GLY C 234 -1.83 5.70 36.44
CA GLY C 234 -3.04 4.99 36.77
C GLY C 234 -2.85 3.49 36.98
N LEU C 235 -3.80 2.69 36.48
CA LEU C 235 -3.71 1.23 36.61
C LEU C 235 -4.74 0.41 35.81
N PRO C 236 -5.86 0.97 35.26
CA PRO C 236 -6.83 0.07 34.62
C PRO C 236 -6.34 -0.45 33.27
N ALA C 237 -5.16 -1.07 33.27
CA ALA C 237 -4.54 -1.64 32.09
C ALA C 237 -3.30 -2.42 32.50
N TYR C 238 -3.14 -3.63 31.96
CA TYR C 238 -1.94 -4.41 32.22
C TYR C 238 -0.86 -4.15 31.20
N ARG C 239 -1.24 -3.91 29.95
CA ARG C 239 -0.30 -3.58 28.90
C ARG C 239 -1.02 -2.61 27.97
N LYS C 240 -0.32 -1.58 27.51
CA LYS C 240 -0.95 -0.55 26.70
C LYS C 240 0.02 -0.10 25.62
N PHE C 241 -0.39 -0.21 24.36
CA PHE C 241 0.39 0.20 23.22
C PHE C 241 -0.27 1.42 22.57
N ASP C 242 0.51 2.46 22.32
CA ASP C 242 0.02 3.60 21.56
C ASP C 242 0.75 3.66 20.22
N ILE C 243 0.08 4.22 19.23
CA ILE C 243 0.71 4.43 17.94
C ILE C 243 0.60 5.91 17.60
N GLU C 244 1.75 6.49 17.29
CA GLU C 244 1.83 7.89 16.92
C GLU C 244 2.23 7.98 15.44
N ALA C 245 1.43 8.71 14.67
CA ALA C 245 1.71 8.93 13.26
C ALA C 245 2.41 10.28 13.08
N TRP C 246 3.35 10.31 12.13
CA TRP C 246 4.07 11.54 11.82
C TRP C 246 3.13 12.56 11.20
N MET C 247 3.17 13.79 11.69
CA MET C 247 2.35 14.87 11.13
C MET C 247 3.29 15.99 10.70
N PRO C 248 3.66 16.06 9.42
CA PRO C 248 4.63 17.07 8.99
C PRO C 248 4.26 18.50 9.35
N GLY C 249 3.00 18.89 9.22
CA GLY C 249 2.62 20.27 9.52
C GLY C 249 2.79 20.60 10.99
N ARG C 250 2.39 19.68 11.87
CA ARG C 250 2.65 19.86 13.30
C ARG C 250 4.13 19.71 13.62
N GLY C 251 4.86 18.98 12.79
CA GLY C 251 6.28 18.76 13.05
C GLY C 251 6.59 17.77 14.15
N ARG C 252 5.70 16.81 14.40
CA ARG C 252 5.93 15.84 15.48
C ARG C 252 5.01 14.65 15.28
N PHE C 253 5.19 13.65 16.15
CA PHE C 253 4.30 12.50 16.14
C PHE C 253 3.06 12.76 16.98
N GLY C 254 1.92 12.29 16.50
CA GLY C 254 0.66 12.45 17.20
C GLY C 254 -0.10 11.15 17.27
N GLU C 255 -0.64 10.85 18.45
CA GLU C 255 -1.37 9.62 18.69
C GLU C 255 -2.56 9.49 17.74
N VAL C 256 -2.65 8.37 17.05
CA VAL C 256 -3.79 8.12 16.16
C VAL C 256 -4.59 6.91 16.63
N THR C 257 -3.95 5.99 17.35
CA THR C 257 -4.68 4.84 17.86
C THR C 257 -4.03 4.36 19.16
N SER C 258 -4.81 3.61 19.95
CA SER C 258 -4.33 3.01 21.19
C SER C 258 -4.92 1.62 21.37
N ALA C 259 -4.19 0.78 22.10
CA ALA C 259 -4.65 -0.59 22.35
C ALA C 259 -4.19 -1.01 23.74
N SER C 260 -5.13 -1.49 24.55
CA SER C 260 -4.85 -1.84 25.93
C SER C 260 -5.46 -3.20 26.28
N ASN C 261 -4.72 -3.96 27.07
CA ASN C 261 -5.19 -5.20 27.67
C ASN C 261 -5.65 -4.90 29.09
N CYS C 262 -6.95 -4.99 29.34
CA CYS C 262 -7.48 -4.67 30.66
C CYS C 262 -7.69 -5.91 31.53
N THR C 263 -7.22 -7.08 31.07
CA THR C 263 -7.36 -8.36 31.76
C THR C 263 -8.75 -8.53 32.36
N ASP C 264 -8.82 -8.73 33.68
CA ASP C 264 -10.10 -8.97 34.33
C ASP C 264 -10.61 -7.75 35.09
N PHE C 265 -10.09 -6.56 34.78
CA PHE C 265 -10.57 -5.35 35.45
C PHE C 265 -12.03 -5.06 35.08
N GLN C 266 -12.31 -4.98 33.77
CA GLN C 266 -13.66 -4.71 33.34
C GLN C 266 -14.58 -5.90 33.57
N SER C 267 -14.06 -7.13 33.42
CA SER C 267 -14.91 -8.29 33.65
C SER C 267 -15.29 -8.42 35.12
N ARG C 268 -14.37 -8.12 36.03
CA ARG C 268 -14.71 -8.21 37.45
C ARG C 268 -15.60 -7.07 37.90
N ARG C 269 -15.55 -5.93 37.22
CA ARG C 269 -16.46 -4.86 37.62
C ARG C 269 -17.84 -4.96 36.97
N LEU C 270 -17.94 -5.58 35.79
CA LEU C 270 -19.18 -5.67 35.06
C LEU C 270 -19.74 -7.08 34.96
N HIS C 271 -19.12 -8.06 35.64
CA HIS C 271 -19.54 -9.47 35.57
C HIS C 271 -19.54 -9.99 34.13
N ILE C 272 -18.38 -9.90 33.48
CA ILE C 272 -18.18 -10.45 32.14
C ILE C 272 -17.54 -11.82 32.34
N MET C 273 -18.33 -12.89 32.24
CA MET C 273 -17.85 -14.22 32.57
C MET C 273 -17.68 -15.09 31.33
N PHE C 274 -16.93 -16.17 31.52
CA PHE C 274 -16.86 -17.23 30.53
C PHE C 274 -16.96 -18.57 31.24
N GLN C 275 -17.54 -19.53 30.53
CA GLN C 275 -17.74 -20.89 31.05
C GLN C 275 -16.59 -21.75 30.56
N THR C 276 -15.86 -22.35 31.50
CA THR C 276 -14.76 -23.21 31.09
C THR C 276 -15.30 -24.51 30.50
N GLU C 277 -14.38 -25.28 29.91
CA GLU C 277 -14.75 -26.57 29.35
C GLU C 277 -15.31 -27.48 30.43
N ALA C 278 -14.68 -27.47 31.61
CA ALA C 278 -15.15 -28.29 32.72
C ALA C 278 -16.52 -27.86 33.23
N GLY C 279 -16.93 -26.62 33.00
CA GLY C 279 -18.22 -26.13 33.46
C GLY C 279 -18.19 -25.09 34.57
N GLU C 280 -17.04 -24.51 34.87
CA GLU C 280 -16.91 -23.45 35.86
C GLU C 280 -17.08 -22.09 35.20
N LEU C 281 -17.67 -21.16 35.93
CA LEU C 281 -17.74 -19.78 35.47
C LEU C 281 -16.57 -19.00 36.06
N GLN C 282 -15.86 -18.27 35.21
CA GLN C 282 -14.70 -17.50 35.66
C GLN C 282 -14.72 -16.15 34.97
N PHE C 283 -14.09 -15.17 35.60
CA PHE C 283 -14.00 -13.85 34.98
C PHE C 283 -13.15 -13.93 33.71
N ALA C 284 -13.69 -13.42 32.60
CA ALA C 284 -12.99 -13.45 31.33
C ALA C 284 -11.98 -12.29 31.26
N HIS C 285 -11.26 -12.22 30.15
CA HIS C 285 -10.33 -11.12 29.91
C HIS C 285 -10.85 -10.22 28.80
N THR C 286 -10.65 -8.92 28.97
CA THR C 286 -11.13 -7.93 28.01
C THR C 286 -9.94 -7.17 27.43
N VAL C 287 -10.04 -6.88 26.14
CA VAL C 287 -9.03 -6.13 25.42
C VAL C 287 -9.74 -5.07 24.60
N ASN C 288 -9.19 -3.85 24.59
CA ASN C 288 -9.78 -2.74 23.88
C ASN C 288 -8.75 -2.18 22.92
N ALA C 289 -9.23 -1.64 21.80
CA ALA C 289 -8.31 -1.08 20.81
C ALA C 289 -9.08 -0.18 19.87
N THR C 290 -8.51 1.00 19.60
CA THR C 290 -9.01 1.90 18.56
C THR C 290 -8.64 1.32 17.20
N ALA C 291 -9.63 1.24 16.31
CA ALA C 291 -9.40 0.82 14.94
C ALA C 291 -9.24 1.99 13.99
N CYS C 292 -9.90 3.11 14.27
CA CYS C 292 -9.80 4.31 13.43
C CYS C 292 -10.29 5.52 14.20
N ALA C 293 -9.44 6.54 14.32
CA ALA C 293 -9.83 7.85 14.85
C ALA C 293 -9.77 8.83 13.68
N VAL C 294 -10.93 9.28 13.22
CA VAL C 294 -10.99 10.08 11.99
C VAL C 294 -10.18 11.38 12.08
N PRO C 295 -10.37 12.23 13.11
CA PRO C 295 -9.60 13.49 13.15
C PRO C 295 -8.09 13.34 13.01
N ARG C 296 -7.47 12.48 13.82
CA ARG C 296 -6.02 12.38 13.81
C ARG C 296 -5.50 11.75 12.51
N LEU C 297 -6.25 10.79 11.95
CA LEU C 297 -5.84 10.21 10.67
C LEU C 297 -6.00 11.19 9.52
N LEU C 298 -7.05 12.02 9.54
CA LEU C 298 -7.14 13.08 8.54
C LEU C 298 -5.98 14.04 8.67
N ILE C 299 -5.61 14.41 9.90
CA ILE C 299 -4.47 15.30 10.08
C ILE C 299 -3.21 14.67 9.49
N ALA C 300 -2.94 13.41 9.84
CA ALA C 300 -1.74 12.75 9.35
C ALA C 300 -1.73 12.64 7.83
N LEU C 301 -2.88 12.26 7.23
CA LEU C 301 -2.92 12.10 5.78
C LEU C 301 -2.75 13.42 5.05
N LEU C 302 -3.51 14.45 5.46
CA LEU C 302 -3.40 15.74 4.78
C LEU C 302 -1.99 16.30 4.90
N GLU C 303 -1.40 16.24 6.08
CA GLU C 303 -0.09 16.84 6.23
C GLU C 303 1.02 15.97 5.62
N SER C 304 0.80 14.67 5.48
CA SER C 304 1.83 13.79 4.92
C SER C 304 1.77 13.73 3.40
N ASN C 305 0.58 13.82 2.81
CA ASN C 305 0.42 13.70 1.36
C ASN C 305 0.28 15.05 0.65
N GLN C 306 0.56 16.15 1.35
CA GLN C 306 0.47 17.47 0.76
C GLN C 306 1.56 17.67 -0.29
N GLN C 307 1.23 18.48 -1.29
CA GLN C 307 2.15 18.84 -2.37
C GLN C 307 2.49 20.33 -2.28
N LYS C 308 3.48 20.74 -3.08
CA LYS C 308 3.91 22.13 -3.09
C LYS C 308 2.80 23.08 -3.55
N ASP C 309 2.02 22.65 -4.55
CA ASP C 309 0.90 23.44 -5.07
C ASP C 309 -0.35 23.39 -4.17
N GLY C 310 -0.25 22.78 -2.99
CA GLY C 310 -1.35 22.66 -2.06
C GLY C 310 -2.28 21.50 -2.30
N SER C 311 -1.98 20.63 -3.27
CA SER C 311 -2.81 19.46 -3.53
C SER C 311 -2.44 18.34 -2.56
N VAL C 312 -3.31 17.33 -2.48
CA VAL C 312 -3.09 16.21 -1.57
C VAL C 312 -3.23 14.91 -2.36
N LEU C 313 -2.21 14.07 -2.28
CA LEU C 313 -2.28 12.75 -2.91
C LEU C 313 -3.14 11.82 -2.06
N VAL C 314 -3.87 10.95 -2.72
CA VAL C 314 -4.78 10.02 -2.06
C VAL C 314 -4.10 8.66 -1.98
N PRO C 315 -4.02 8.06 -0.80
CA PRO C 315 -3.50 6.71 -0.70
C PRO C 315 -4.32 5.77 -1.58
N PRO C 316 -3.67 4.80 -2.23
CA PRO C 316 -4.42 3.88 -3.10
C PRO C 316 -5.59 3.20 -2.41
N ALA C 317 -5.48 2.86 -1.13
CA ALA C 317 -6.57 2.20 -0.44
C ALA C 317 -7.83 3.06 -0.39
N LEU C 318 -7.68 4.39 -0.40
CA LEU C 318 -8.79 5.31 -0.30
C LEU C 318 -9.25 5.87 -1.64
N GLN C 319 -8.53 5.55 -2.73
CA GLN C 319 -8.92 6.05 -4.04
C GLN C 319 -10.27 5.52 -4.50
N SER C 320 -10.64 4.31 -4.07
CA SER C 320 -11.96 3.79 -4.40
C SER C 320 -13.06 4.69 -3.84
N TYR C 321 -12.88 5.17 -2.62
CA TYR C 321 -13.88 6.02 -2.00
C TYR C 321 -13.81 7.47 -2.50
N LEU C 322 -12.60 7.93 -2.87
CA LEU C 322 -12.48 9.32 -3.32
C LEU C 322 -12.70 9.52 -4.80
N GLY C 323 -12.55 8.47 -5.62
CA GLY C 323 -12.75 8.62 -7.05
C GLY C 323 -11.66 9.37 -7.76
N THR C 324 -10.54 9.64 -7.10
CA THR C 324 -9.41 10.36 -7.68
C THR C 324 -8.16 10.01 -6.88
N ASP C 325 -7.00 10.26 -7.50
CA ASP C 325 -5.71 10.06 -6.84
C ASP C 325 -5.10 11.35 -6.32
N ARG C 326 -5.78 12.49 -6.50
CA ARG C 326 -5.27 13.75 -6.00
C ARG C 326 -6.42 14.72 -5.80
N ILE C 327 -6.47 15.32 -4.61
CA ILE C 327 -7.45 16.34 -4.28
C ILE C 327 -6.88 17.69 -4.68
N THR C 328 -7.62 18.42 -5.51
CA THR C 328 -7.19 19.68 -6.10
C THR C 328 -8.17 20.78 -5.71
N ALA C 329 -7.72 22.03 -5.82
CA ALA C 329 -8.57 23.16 -5.51
C ALA C 329 -9.73 23.25 -6.51
N PRO C 330 -10.90 23.70 -6.07
CA PRO C 330 -12.05 23.80 -6.98
C PRO C 330 -11.98 25.03 -7.87
N THR C 331 -12.81 25.02 -8.91
CA THR C 331 -12.88 26.13 -9.86
C THR C 331 -13.68 27.31 -9.30
N SER D 17 -56.44 20.45 4.63
CA SER D 17 -56.78 20.10 6.01
C SER D 17 -56.13 18.78 6.42
N GLN D 18 -56.64 17.67 5.89
CA GLN D 18 -56.14 16.34 6.21
C GLN D 18 -55.30 15.80 5.06
N ALA D 19 -54.33 14.96 5.41
CA ALA D 19 -53.37 14.46 4.42
C ALA D 19 -54.07 13.65 3.33
N ARG D 20 -53.69 13.92 2.08
CA ARG D 20 -54.22 13.22 0.91
C ARG D 20 -53.18 12.25 0.41
N VAL D 21 -53.61 11.02 0.11
CA VAL D 21 -52.70 10.00 -0.43
C VAL D 21 -52.41 10.33 -1.89
N LEU D 22 -51.14 10.61 -2.21
CA LEU D 22 -50.77 11.02 -3.56
C LEU D 22 -50.31 9.85 -4.43
N HIS D 23 -49.67 8.83 -3.87
CA HIS D 23 -49.16 7.76 -4.71
C HIS D 23 -48.99 6.51 -3.86
N MET D 24 -49.33 5.35 -4.44
CA MET D 24 -49.08 4.04 -3.84
C MET D 24 -48.00 3.31 -4.62
N VAL D 25 -47.04 2.72 -3.92
CA VAL D 25 -45.98 1.94 -4.55
C VAL D 25 -45.89 0.58 -3.88
N GLY D 26 -45.83 -0.47 -4.69
CA GLY D 26 -45.76 -1.83 -4.21
C GLY D 26 -47.12 -2.37 -3.80
N ASP D 27 -47.07 -3.55 -3.19
CA ASP D 27 -48.25 -4.23 -2.68
C ASP D 27 -47.94 -4.78 -1.30
N LYS D 28 -48.98 -4.97 -0.51
CA LYS D 28 -48.81 -5.55 0.81
C LYS D 28 -48.32 -6.99 0.67
N PRO D 29 -47.30 -7.40 1.41
CA PRO D 29 -46.84 -8.79 1.33
C PRO D 29 -47.92 -9.76 1.77
N VAL D 30 -47.94 -10.93 1.15
CA VAL D 30 -48.93 -11.97 1.45
C VAL D 30 -48.31 -12.98 2.40
N PHE D 31 -49.00 -13.26 3.50
CA PHE D 31 -48.53 -14.21 4.51
C PHE D 31 -49.58 -15.27 4.74
N SER D 32 -49.13 -16.50 4.97
CA SER D 32 -49.99 -17.60 5.38
C SER D 32 -50.10 -17.69 6.90
N PHE D 33 -49.54 -16.72 7.61
CA PHE D 33 -49.46 -16.72 9.06
C PHE D 33 -49.62 -15.28 9.55
N GLN D 34 -49.74 -15.13 10.85
CA GLN D 34 -49.79 -13.79 11.44
C GLN D 34 -48.40 -13.17 11.43
N PRO D 35 -48.19 -12.04 10.75
CA PRO D 35 -46.85 -11.44 10.72
C PRO D 35 -46.36 -11.10 12.12
N ARG D 36 -45.07 -11.31 12.35
CA ARG D 36 -44.46 -11.04 13.65
C ARG D 36 -43.90 -9.62 13.70
N GLY D 37 -43.67 -9.14 14.92
CA GLY D 37 -43.09 -7.82 15.09
C GLY D 37 -41.59 -7.81 14.86
N HIS D 38 -41.08 -6.62 14.56
CA HIS D 38 -39.65 -6.46 14.29
C HIS D 38 -38.79 -6.90 15.47
N LEU D 39 -39.28 -6.68 16.69
CA LEU D 39 -38.53 -7.11 17.87
C LEU D 39 -38.46 -8.63 17.94
N GLU D 40 -39.57 -9.33 17.64
CA GLU D 40 -39.56 -10.79 17.63
C GLU D 40 -38.56 -11.32 16.62
N ILE D 41 -38.58 -10.75 15.40
CA ILE D 41 -37.64 -11.16 14.36
C ILE D 41 -36.21 -10.91 14.80
N GLY D 42 -35.95 -9.74 15.39
CA GLY D 42 -34.60 -9.42 15.82
C GLY D 42 -34.09 -10.34 16.92
N GLU D 43 -34.92 -10.60 17.93
CA GLU D 43 -34.49 -11.49 19.01
C GLU D 43 -34.29 -12.91 18.52
N LYS D 44 -35.17 -13.39 17.62
CA LYS D 44 -35.03 -14.75 17.10
C LYS D 44 -33.75 -14.90 16.29
N LEU D 45 -33.35 -13.87 15.55
CA LEU D 45 -32.13 -13.90 14.75
C LEU D 45 -30.91 -13.37 15.50
N ASP D 46 -31.09 -12.92 16.74
CA ASP D 46 -30.01 -12.30 17.52
C ASP D 46 -29.36 -11.15 16.75
N ILE D 47 -30.19 -10.34 16.11
CA ILE D 47 -29.74 -9.13 15.44
C ILE D 47 -30.23 -7.88 16.14
N ILE D 48 -31.12 -8.01 17.12
CA ILE D 48 -31.53 -6.91 17.98
C ILE D 48 -31.47 -7.45 19.41
N ARG D 49 -30.75 -6.76 20.28
CA ARG D 49 -30.51 -7.27 21.62
C ARG D 49 -30.36 -6.12 22.60
N GLN D 50 -30.20 -6.48 23.88
CA GLN D 50 -30.03 -5.54 24.97
C GLN D 50 -31.15 -4.52 25.01
N SER D 65 -27.90 -0.37 26.27
CA SER D 65 -29.29 0.05 26.07
C SER D 65 -30.10 -0.99 25.29
N TYR D 66 -30.45 -0.70 24.04
CA TYR D 66 -31.19 -1.60 23.16
C TYR D 66 -30.85 -1.22 21.72
N TYR D 67 -30.31 -2.18 20.95
CA TYR D 67 -29.00 -1.92 20.38
C TYR D 67 -28.30 -3.15 19.75
N LEU D 68 -27.75 -2.95 18.54
CA LEU D 68 -27.78 -3.88 17.39
C LEU D 68 -26.50 -4.67 17.16
N ARG D 69 -26.67 -5.92 16.71
CA ARG D 69 -25.57 -6.87 16.54
C ARG D 69 -25.68 -7.60 15.20
N GLY D 70 -24.51 -7.92 14.61
CA GLY D 70 -24.44 -8.77 13.42
C GLY D 70 -25.21 -8.25 12.20
N ALA D 71 -26.12 -9.08 11.70
CA ALA D 71 -26.86 -8.75 10.48
C ALA D 71 -27.66 -7.46 10.65
N GLY D 72 -28.09 -7.14 11.87
CA GLY D 72 -28.76 -5.85 12.10
C GLY D 72 -27.81 -4.69 11.89
N ALA D 73 -26.59 -4.82 12.40
CA ALA D 73 -25.58 -3.79 12.17
C ALA D 73 -25.25 -3.67 10.70
N LEU D 74 -25.16 -4.82 10.00
CA LEU D 74 -24.92 -4.79 8.56
C LEU D 74 -26.08 -4.16 7.80
N LEU D 75 -27.31 -4.36 8.28
CA LEU D 75 -28.47 -3.72 7.64
C LEU D 75 -28.41 -2.20 7.80
N GLN D 76 -28.07 -1.72 9.00
CA GLN D 76 -27.88 -0.28 9.19
C GLN D 76 -26.77 0.26 8.28
N HIS D 77 -25.63 -0.43 8.26
CA HIS D 77 -24.50 -0.02 7.44
C HIS D 77 -24.88 0.01 5.96
N GLY D 78 -25.59 -1.02 5.50
CA GLY D 78 -25.99 -1.09 4.11
C GLY D 78 -27.01 -0.04 3.72
N LEU D 79 -28.00 0.23 4.58
CA LEU D 79 -28.97 1.28 4.29
C LEU D 79 -28.28 2.64 4.17
N VAL D 80 -27.44 2.99 5.15
CA VAL D 80 -26.76 4.28 5.13
C VAL D 80 -25.89 4.41 3.89
N ASN D 81 -25.05 3.40 3.62
CA ASN D 81 -24.12 3.48 2.49
C ASN D 81 -24.86 3.45 1.14
N PHE D 82 -25.91 2.64 1.01
CA PHE D 82 -26.67 2.59 -0.24
C PHE D 82 -27.31 3.94 -0.55
N THR D 83 -27.96 4.55 0.45
CA THR D 83 -28.57 5.86 0.23
C THR D 83 -27.53 6.93 -0.05
N PHE D 84 -26.42 6.93 0.72
CA PHE D 84 -25.38 7.93 0.56
C PHE D 84 -24.74 7.83 -0.82
N ASN D 85 -24.45 6.61 -1.28
CA ASN D 85 -23.88 6.41 -2.61
C ASN D 85 -24.85 6.84 -3.70
N LYS D 86 -26.14 6.49 -3.55
CA LYS D 86 -27.12 6.92 -4.54
C LYS D 86 -27.15 8.44 -4.66
N LEU D 87 -27.14 9.14 -3.52
CA LEU D 87 -27.16 10.60 -3.57
C LEU D 87 -25.85 11.17 -4.10
N LEU D 88 -24.71 10.53 -3.84
CA LEU D 88 -23.44 10.99 -4.43
C LEU D 88 -23.49 10.88 -5.95
N ARG D 89 -24.01 9.78 -6.47
CA ARG D 89 -24.12 9.59 -7.92
C ARG D 89 -25.09 10.57 -8.56
N ARG D 90 -25.97 11.18 -7.78
CA ARG D 90 -26.96 12.13 -8.28
C ARG D 90 -26.45 13.57 -8.24
N GLY D 91 -25.20 13.78 -7.89
CA GLY D 91 -24.60 15.11 -7.86
C GLY D 91 -24.60 15.81 -6.53
N PHE D 92 -25.00 15.13 -5.45
CA PHE D 92 -25.01 15.73 -4.13
C PHE D 92 -23.59 15.82 -3.57
N THR D 93 -23.27 16.95 -2.97
CA THR D 93 -21.97 17.15 -2.35
C THR D 93 -21.98 16.58 -0.94
N PRO D 94 -21.05 15.69 -0.60
CA PRO D 94 -21.06 15.09 0.75
C PRO D 94 -20.62 16.07 1.82
N MET D 95 -21.21 15.91 3.00
CA MET D 95 -20.92 16.75 4.15
C MET D 95 -21.00 15.92 5.43
N THR D 96 -20.13 16.24 6.39
CA THR D 96 -20.13 15.64 7.71
C THR D 96 -19.99 16.73 8.77
N VAL D 97 -20.73 16.59 9.86
CA VAL D 97 -20.87 17.64 10.86
C VAL D 97 -20.50 17.09 12.24
N PRO D 98 -19.99 17.94 13.16
CA PRO D 98 -19.76 17.49 14.54
C PRO D 98 -21.00 17.42 15.43
N ASP D 99 -22.18 17.34 14.83
CA ASP D 99 -23.45 17.30 15.56
C ASP D 99 -23.67 18.52 16.45
N VAL D 139 -31.56 21.80 11.20
CA VAL D 139 -30.99 22.98 11.84
C VAL D 139 -29.57 23.20 11.34
N GLY D 140 -28.73 22.17 11.45
CA GLY D 140 -27.36 22.28 11.00
C GLY D 140 -27.26 22.50 9.51
N LEU D 141 -28.09 21.81 8.73
CA LEU D 141 -28.02 21.92 7.28
C LEU D 141 -28.27 23.35 6.82
N ALA D 142 -29.31 23.98 7.37
CA ALA D 142 -29.57 25.39 7.07
C ALA D 142 -28.52 26.30 7.70
N GLY D 143 -28.08 25.97 8.92
CA GLY D 143 -27.16 26.82 9.66
C GLY D 143 -25.78 26.98 9.05
N TYR D 144 -25.34 26.02 8.23
CA TYR D 144 -24.02 26.13 7.63
C TYR D 144 -23.98 27.23 6.57
N PHE D 145 -25.08 27.42 5.85
CA PHE D 145 -25.16 28.47 4.83
C PHE D 145 -25.47 29.84 5.44
N MET D 146 -25.61 29.93 6.75
CA MET D 146 -25.79 31.20 7.44
C MET D 146 -24.77 32.23 6.99
N ASP D 147 -25.25 33.43 6.63
CA ASP D 147 -24.40 34.57 6.26
C ASP D 147 -23.50 34.23 5.06
N HIS D 148 -23.95 33.32 4.21
CA HIS D 148 -23.22 32.89 3.03
C HIS D 148 -24.06 33.13 1.77
N THR D 149 -23.37 33.41 0.68
CA THR D 149 -23.99 33.67 -0.61
C THR D 149 -23.41 32.72 -1.66
N VAL D 150 -24.31 32.11 -2.43
CA VAL D 150 -23.94 31.20 -3.53
C VAL D 150 -24.21 31.92 -4.84
N ALA D 151 -23.46 31.54 -5.87
CA ALA D 151 -23.64 32.14 -7.17
C ALA D 151 -24.87 31.56 -7.87
N PHE D 152 -25.58 32.40 -8.61
CA PHE D 152 -26.73 31.93 -9.37
C PHE D 152 -26.33 30.80 -10.31
N ARG D 153 -25.12 30.89 -10.87
CA ARG D 153 -24.60 29.85 -11.76
C ARG D 153 -24.45 28.51 -11.06
N ASP D 154 -24.40 28.51 -9.72
CA ASP D 154 -24.23 27.30 -8.93
C ASP D 154 -25.54 26.65 -8.52
N LEU D 155 -26.65 27.34 -8.72
CA LEU D 155 -27.95 26.79 -8.34
C LEU D 155 -28.37 25.69 -9.30
N PRO D 156 -28.95 24.60 -8.80
CA PRO D 156 -29.17 24.30 -7.39
C PRO D 156 -27.95 23.69 -6.70
N VAL D 157 -27.81 23.99 -5.41
CA VAL D 157 -26.78 23.39 -4.56
C VAL D 157 -27.43 22.21 -3.84
N ARG D 158 -26.85 21.03 -4.02
CA ARG D 158 -27.34 19.79 -3.41
C ARG D 158 -26.31 19.29 -2.41
N MET D 159 -26.73 19.06 -1.17
CA MET D 159 -25.84 18.60 -0.11
C MET D 159 -26.43 17.34 0.51
N VAL D 160 -25.56 16.39 0.86
CA VAL D 160 -26.00 15.15 1.50
C VAL D 160 -25.16 14.92 2.75
N CYS D 161 -25.81 14.55 3.85
CA CYS D 161 -25.09 14.42 5.12
C CYS D 161 -25.69 13.29 5.95
N SER D 162 -24.82 12.40 6.46
CA SER D 162 -25.23 11.35 7.39
C SER D 162 -24.80 11.75 8.79
N SER D 163 -25.72 11.68 9.75
CA SER D 163 -25.42 12.18 11.08
C SER D 163 -26.24 11.45 12.15
N THR D 164 -25.75 11.54 13.39
CA THR D 164 -26.42 10.98 14.57
C THR D 164 -27.35 12.02 15.19
N CYS D 165 -28.60 11.64 15.40
CA CYS D 165 -29.62 12.50 15.98
C CYS D 165 -30.04 11.98 17.34
N TYR D 166 -30.35 12.92 18.23
CA TYR D 166 -30.77 12.65 19.60
C TYR D 166 -32.16 13.21 19.84
N ARG D 167 -33.02 12.41 20.46
CA ARG D 167 -34.37 12.84 20.80
C ARG D 167 -34.70 12.48 22.25
N GLY D 178 -40.61 -1.07 21.03
CA GLY D 178 -40.12 -1.03 19.66
C GLY D 178 -39.03 -0.01 19.37
N LEU D 179 -38.50 -0.04 18.15
CA LEU D 179 -37.50 0.91 17.72
C LEU D 179 -38.10 2.19 17.18
N TYR D 180 -39.42 2.37 17.31
CA TYR D 180 -40.09 3.54 16.73
C TYR D 180 -39.57 4.84 17.35
N ARG D 181 -39.37 4.85 18.67
CA ARG D 181 -38.91 6.06 19.37
C ARG D 181 -37.77 5.63 20.30
N VAL D 182 -36.55 5.66 19.77
CA VAL D 182 -35.32 5.36 20.50
C VAL D 182 -34.51 6.64 20.66
N HIS D 183 -33.40 6.57 21.38
CA HIS D 183 -32.54 7.74 21.57
C HIS D 183 -31.65 7.91 20.34
N HIS D 184 -30.37 8.19 20.53
CA HIS D 184 -29.44 8.45 19.42
C HIS D 184 -29.60 7.43 18.30
N PHE D 185 -29.54 7.90 17.05
CA PHE D 185 -29.64 7.01 15.89
C PHE D 185 -29.11 7.73 14.67
N THR D 186 -28.75 6.97 13.65
CA THR D 186 -28.14 7.51 12.44
C THR D 186 -29.20 7.72 11.36
N LYS D 187 -29.14 8.87 10.69
CA LYS D 187 -30.04 9.18 9.57
C LYS D 187 -29.28 9.99 8.53
N VAL D 188 -29.56 9.71 7.25
CA VAL D 188 -29.00 10.43 6.12
C VAL D 188 -30.01 11.45 5.62
N GLU D 189 -29.58 12.72 5.51
CA GLU D 189 -30.41 13.87 5.17
C GLU D 189 -29.95 14.53 3.87
N MET D 190 -30.92 15.07 3.14
CA MET D 190 -30.72 15.83 1.91
C MET D 190 -31.01 17.31 2.18
N PHE D 191 -30.22 18.19 1.57
CA PHE D 191 -30.43 19.63 1.70
C PHE D 191 -30.25 20.31 0.35
N GLY D 192 -31.11 21.27 0.04
CA GLY D 192 -31.06 21.96 -1.24
C GLY D 192 -31.18 23.46 -1.10
N VAL D 193 -30.45 24.17 -1.95
CA VAL D 193 -30.55 25.63 -2.07
C VAL D 193 -30.72 25.97 -3.54
N THR D 194 -31.82 26.64 -3.90
CA THR D 194 -32.16 26.78 -5.31
C THR D 194 -32.50 28.23 -5.63
N GLY D 195 -32.73 28.47 -6.92
CA GLY D 195 -32.99 29.78 -7.47
C GLY D 195 -34.22 30.48 -6.94
N PRO D 196 -34.55 31.61 -7.54
CA PRO D 196 -35.69 32.42 -7.06
C PRO D 196 -37.04 31.73 -7.20
N GLY D 197 -37.87 31.90 -6.18
CA GLY D 197 -39.26 31.55 -6.04
C GLY D 197 -39.76 30.10 -6.05
N LEU D 198 -41.11 30.05 -6.05
CA LEU D 198 -41.82 28.81 -5.82
C LEU D 198 -41.56 27.78 -6.92
N GLU D 199 -41.44 28.23 -8.17
CA GLU D 199 -41.19 27.27 -9.25
C GLU D 199 -39.89 26.50 -9.01
N GLN D 200 -38.83 27.22 -8.68
CA GLN D 200 -37.52 26.60 -8.47
C GLN D 200 -37.54 25.69 -7.24
N SER D 201 -38.10 26.21 -6.13
CA SER D 201 -38.09 25.42 -4.89
C SER D 201 -38.97 24.17 -5.03
N SER D 202 -40.10 24.29 -5.75
CA SER D 202 -40.97 23.15 -5.96
C SER D 202 -40.34 22.11 -6.86
N GLN D 203 -39.62 22.53 -7.91
CA GLN D 203 -38.89 21.56 -8.71
C GLN D 203 -37.87 20.80 -7.87
N LEU D 204 -37.14 21.51 -7.01
CA LEU D 204 -36.17 20.83 -6.16
C LEU D 204 -36.85 19.86 -5.19
N LEU D 205 -37.99 20.27 -4.61
CA LEU D 205 -38.72 19.40 -3.69
C LEU D 205 -39.23 18.14 -4.40
N GLU D 206 -39.74 18.30 -5.63
CA GLU D 206 -40.19 17.15 -6.39
C GLU D 206 -39.04 16.20 -6.69
N GLU D 207 -37.86 16.76 -6.99
CA GLU D 207 -36.66 15.92 -7.19
C GLU D 207 -36.34 15.13 -5.94
N PHE D 208 -36.37 15.78 -4.78
CA PHE D 208 -36.08 15.11 -3.52
C PHE D 208 -37.09 13.99 -3.24
N LEU D 209 -38.38 14.26 -3.47
CA LEU D 209 -39.41 13.24 -3.26
C LEU D 209 -39.21 12.05 -4.19
N SER D 210 -38.85 12.32 -5.46
CA SER D 210 -38.58 11.23 -6.40
C SER D 210 -37.39 10.39 -5.94
N LEU D 211 -36.35 11.04 -5.42
CA LEU D 211 -35.23 10.27 -4.90
C LEU D 211 -35.65 9.40 -3.72
N GLN D 212 -36.48 9.95 -2.82
CA GLN D 212 -36.96 9.16 -1.69
C GLN D 212 -37.76 7.95 -2.16
N MET D 213 -38.66 8.16 -3.12
CA MET D 213 -39.47 7.06 -3.62
C MET D 213 -38.61 6.01 -4.30
N GLU D 214 -37.60 6.43 -5.07
CA GLU D 214 -36.70 5.48 -5.70
C GLU D 214 -35.96 4.65 -4.65
N ILE D 215 -35.46 5.29 -3.60
CA ILE D 215 -34.75 4.57 -2.55
C ILE D 215 -35.66 3.52 -1.90
N LEU D 216 -36.89 3.93 -1.55
CA LEU D 216 -37.79 2.99 -0.90
C LEU D 216 -38.23 1.85 -1.84
N THR D 217 -38.40 2.13 -3.13
CA THR D 217 -38.78 1.07 -4.06
C THR D 217 -37.64 0.07 -4.25
N GLU D 218 -36.40 0.56 -4.38
CA GLU D 218 -35.27 -0.34 -4.55
C GLU D 218 -35.00 -1.18 -3.31
N LEU D 219 -35.48 -0.75 -2.14
CA LEU D 219 -35.39 -1.55 -0.93
C LEU D 219 -36.52 -2.56 -0.83
N GLY D 220 -37.44 -2.58 -1.80
CA GLY D 220 -38.51 -3.56 -1.81
C GLY D 220 -39.59 -3.33 -0.79
N LEU D 221 -39.82 -2.09 -0.37
CA LEU D 221 -40.85 -1.77 0.59
C LEU D 221 -42.12 -1.29 -0.11
N HIS D 222 -43.26 -1.58 0.50
CA HIS D 222 -44.55 -1.08 0.06
C HIS D 222 -44.83 0.21 0.83
N PHE D 223 -45.13 1.29 0.10
CA PHE D 223 -45.27 2.58 0.78
C PHE D 223 -46.29 3.44 0.08
N ARG D 224 -46.67 4.52 0.78
CA ARG D 224 -47.61 5.52 0.28
C ARG D 224 -47.07 6.91 0.56
N VAL D 225 -47.27 7.81 -0.42
CA VAL D 225 -46.89 9.21 -0.30
C VAL D 225 -48.12 10.00 0.12
N LEU D 226 -47.97 10.83 1.16
CA LEU D 226 -49.04 11.61 1.75
C LEU D 226 -48.68 13.09 1.69
N ASP D 227 -49.68 13.93 1.42
CA ASP D 227 -49.51 15.37 1.28
C ASP D 227 -49.90 16.06 2.60
N MET D 228 -48.88 16.48 3.35
CA MET D 228 -49.12 17.15 4.64
C MET D 228 -49.70 18.54 4.43
N PRO D 229 -50.62 18.97 5.31
CA PRO D 229 -51.00 20.39 5.33
C PRO D 229 -49.87 21.24 5.87
N THR D 230 -49.89 22.52 5.52
CA THR D 230 -48.81 23.39 5.93
C THR D 230 -49.30 24.67 6.59
N GLN D 231 -50.36 25.29 6.07
CA GLN D 231 -50.88 26.51 6.65
C GLN D 231 -51.73 26.28 7.90
N GLU D 232 -51.99 25.02 8.27
CA GLU D 232 -52.70 24.68 9.49
C GLU D 232 -51.67 24.12 10.47
N LEU D 233 -51.64 24.67 11.68
CA LEU D 233 -50.55 24.41 12.61
C LEU D 233 -49.29 24.86 11.86
N GLY D 234 -48.16 24.17 12.07
CA GLY D 234 -46.95 24.45 11.34
C GLY D 234 -46.65 25.92 11.13
N LEU D 235 -46.27 26.28 9.88
CA LEU D 235 -45.99 27.59 9.27
C LEU D 235 -44.68 27.53 8.47
N PRO D 236 -43.55 27.06 9.04
CA PRO D 236 -42.30 27.09 8.27
C PRO D 236 -42.23 26.01 7.18
N ALA D 237 -43.22 26.04 6.28
CA ALA D 237 -43.29 25.08 5.18
C ALA D 237 -44.36 25.48 4.17
N TYR D 238 -44.01 25.44 2.89
CA TYR D 238 -44.96 25.70 1.82
C TYR D 238 -45.60 24.42 1.30
N ARG D 239 -44.81 23.34 1.21
CA ARG D 239 -45.30 22.05 0.75
C ARG D 239 -44.52 20.99 1.50
N LYS D 240 -45.20 19.92 1.90
CA LYS D 240 -44.56 18.87 2.70
C LYS D 240 -45.11 17.52 2.26
N PHE D 241 -44.20 16.63 1.87
CA PHE D 241 -44.56 15.26 1.49
C PHE D 241 -43.98 14.31 2.54
N ASP D 242 -44.81 13.41 3.04
CA ASP D 242 -44.37 12.35 3.94
C ASP D 242 -44.57 11.01 3.24
N ILE D 243 -43.74 10.03 3.60
CA ILE D 243 -43.89 8.69 3.05
C ILE D 243 -44.01 7.70 4.22
N GLU D 244 -45.05 6.86 4.17
CA GLU D 244 -45.26 5.83 5.17
C GLU D 244 -45.06 4.47 4.51
N ALA D 245 -44.21 3.65 5.10
CA ALA D 245 -43.93 2.31 4.62
C ALA D 245 -44.80 1.30 5.35
N TRP D 246 -45.24 0.29 4.63
CA TRP D 246 -46.09 -0.74 5.21
C TRP D 246 -45.28 -1.56 6.21
N MET D 247 -45.87 -1.79 7.38
CA MET D 247 -45.25 -2.59 8.44
C MET D 247 -46.22 -3.70 8.81
N PRO D 248 -46.07 -4.90 8.24
CA PRO D 248 -46.98 -6.02 8.56
C PRO D 248 -47.03 -6.37 10.03
N GLY D 249 -45.88 -6.42 10.71
CA GLY D 249 -45.90 -6.80 12.11
C GLY D 249 -46.63 -5.80 12.97
N ARG D 250 -46.38 -4.50 12.74
CA ARG D 250 -47.19 -3.46 13.35
C ARG D 250 -48.59 -3.45 12.77
N GLY D 251 -48.75 -3.95 11.54
CA GLY D 251 -50.04 -3.98 10.89
C GLY D 251 -50.54 -2.66 10.36
N ARG D 252 -49.64 -1.74 10.01
CA ARG D 252 -50.07 -0.43 9.56
C ARG D 252 -48.92 0.28 8.86
N PHE D 253 -49.23 1.43 8.28
CA PHE D 253 -48.20 2.25 7.68
C PHE D 253 -47.52 3.12 8.73
N GLY D 254 -46.20 3.23 8.61
CA GLY D 254 -45.42 4.04 9.52
C GLY D 254 -44.46 4.94 8.76
N GLU D 255 -44.40 6.21 9.21
CA GLU D 255 -43.58 7.21 8.54
C GLU D 255 -42.11 6.79 8.53
N VAL D 256 -41.51 6.79 7.35
CA VAL D 256 -40.09 6.46 7.26
C VAL D 256 -39.27 7.63 6.73
N THR D 257 -39.90 8.52 5.97
CA THR D 257 -39.19 9.69 5.47
C THR D 257 -40.17 10.84 5.28
N SER D 258 -39.63 12.06 5.21
CA SER D 258 -40.41 13.27 4.99
C SER D 258 -39.64 14.22 4.08
N ALA D 259 -40.39 15.09 3.39
CA ALA D 259 -39.77 16.07 2.50
C ALA D 259 -40.58 17.36 2.54
N SER D 260 -39.92 18.48 2.81
CA SER D 260 -40.58 19.76 2.96
C SER D 260 -39.87 20.84 2.16
N ASN D 261 -40.65 21.72 1.55
CA ASN D 261 -40.15 22.92 0.88
C ASN D 261 -40.35 24.07 1.85
N CYS D 262 -39.25 24.64 2.36
CA CYS D 262 -39.32 25.71 3.33
C CYS D 262 -39.18 27.10 2.68
N THR D 263 -39.12 27.16 1.35
CA THR D 263 -38.97 28.40 0.60
C THR D 263 -37.91 29.32 1.19
N ASP D 264 -38.30 30.54 1.55
CA ASP D 264 -37.36 31.54 2.06
C ASP D 264 -37.44 31.73 3.57
N PHE D 265 -38.04 30.80 4.30
CA PHE D 265 -38.10 30.93 5.76
C PHE D 265 -36.71 30.83 6.37
N GLN D 266 -35.99 29.75 6.07
CA GLN D 266 -34.65 29.57 6.62
C GLN D 266 -33.66 30.53 5.98
N SER D 267 -33.81 30.82 4.68
CA SER D 267 -32.88 31.73 4.01
C SER D 267 -33.03 33.16 4.52
N ARG D 268 -34.27 33.60 4.77
CA ARG D 268 -34.48 34.95 5.29
C ARG D 268 -34.13 35.05 6.77
N ARG D 269 -34.20 33.95 7.51
CA ARG D 269 -33.82 34.02 8.92
C ARG D 269 -32.33 33.82 9.14
N LEU D 270 -31.64 33.14 8.22
CA LEU D 270 -30.22 32.83 8.35
C LEU D 270 -29.35 33.57 7.32
N HIS D 271 -29.94 34.46 6.53
CA HIS D 271 -29.22 35.22 5.50
C HIS D 271 -28.48 34.31 4.53
N ILE D 272 -29.23 33.43 3.88
CA ILE D 272 -28.72 32.55 2.82
C ILE D 272 -29.04 33.24 1.49
N MET D 273 -28.03 33.85 0.86
CA MET D 273 -28.22 34.65 -0.34
C MET D 273 -27.66 33.97 -1.58
N PHE D 274 -28.09 34.46 -2.75
CA PHE D 274 -27.48 34.11 -4.02
C PHE D 274 -27.34 35.36 -4.88
N GLN D 275 -26.26 35.39 -5.66
CA GLN D 275 -25.91 36.53 -6.51
C GLN D 275 -26.28 36.27 -7.96
N THR D 276 -27.09 37.17 -8.53
CA THR D 276 -27.47 37.10 -9.94
C THR D 276 -26.31 37.49 -10.86
N GLU D 277 -26.53 37.36 -12.16
CA GLU D 277 -25.50 37.74 -13.14
C GLU D 277 -25.14 39.22 -13.03
N ALA D 278 -26.14 40.09 -12.88
CA ALA D 278 -25.88 41.52 -12.77
C ALA D 278 -25.10 41.89 -11.52
N GLY D 279 -25.15 41.07 -10.47
CA GLY D 279 -24.49 41.36 -9.22
C GLY D 279 -25.41 41.66 -8.06
N GLU D 280 -26.71 41.36 -8.20
CA GLU D 280 -27.67 41.60 -7.13
C GLU D 280 -27.77 40.39 -6.20
N LEU D 281 -27.94 40.66 -4.91
CA LEU D 281 -28.13 39.61 -3.91
C LEU D 281 -29.61 39.42 -3.63
N GLN D 282 -30.05 38.16 -3.62
CA GLN D 282 -31.44 37.83 -3.35
C GLN D 282 -31.49 36.65 -2.41
N PHE D 283 -32.57 36.59 -1.62
CA PHE D 283 -32.75 35.47 -0.70
C PHE D 283 -33.03 34.18 -1.48
N ALA D 284 -32.27 33.14 -1.19
CA ALA D 284 -32.43 31.87 -1.87
C ALA D 284 -33.60 31.09 -1.28
N HIS D 285 -33.89 29.92 -1.86
CA HIS D 285 -34.90 29.02 -1.35
C HIS D 285 -34.26 27.75 -0.83
N THR D 286 -34.78 27.22 0.27
CA THR D 286 -34.25 26.03 0.91
C THR D 286 -35.28 24.91 0.92
N VAL D 287 -34.81 23.68 0.72
CA VAL D 287 -35.65 22.49 0.71
C VAL D 287 -34.94 21.44 1.57
N ASN D 288 -35.70 20.71 2.37
CA ASN D 288 -35.15 19.67 3.23
C ASN D 288 -35.88 18.37 2.98
N ALA D 289 -35.17 17.26 3.16
CA ALA D 289 -35.76 15.95 2.92
C ALA D 289 -34.93 14.88 3.61
N THR D 290 -35.60 13.98 4.33
CA THR D 290 -34.95 12.80 4.87
C THR D 290 -34.65 11.83 3.73
N ALA D 291 -33.41 11.36 3.66
CA ALA D 291 -33.04 10.35 2.67
C ALA D 291 -33.09 8.94 3.22
N CYS D 292 -32.81 8.76 4.52
CA CYS D 292 -32.86 7.43 5.13
C CYS D 292 -32.92 7.57 6.64
N ALA D 293 -33.93 6.99 7.25
CA ALA D 293 -34.02 6.88 8.70
C ALA D 293 -33.86 5.41 9.05
N VAL D 294 -32.74 5.07 9.69
CA VAL D 294 -32.41 3.66 9.92
C VAL D 294 -33.43 2.93 10.78
N PRO D 295 -33.86 3.45 11.95
CA PRO D 295 -34.84 2.69 12.76
C PRO D 295 -36.12 2.29 12.02
N ARG D 296 -36.78 3.25 11.38
CA ARG D 296 -38.06 2.96 10.75
C ARG D 296 -37.89 2.09 9.51
N LEU D 297 -36.78 2.26 8.78
CA LEU D 297 -36.54 1.40 7.63
C LEU D 297 -36.20 -0.02 8.05
N LEU D 298 -35.47 -0.19 9.16
CA LEU D 298 -35.25 -1.53 9.68
C LEU D 298 -36.56 -2.20 10.09
N ILE D 299 -37.45 -1.45 10.75
CA ILE D 299 -38.75 -2.01 11.11
C ILE D 299 -39.49 -2.46 9.85
N ALA D 300 -39.56 -1.57 8.85
CA ALA D 300 -40.27 -1.89 7.62
C ALA D 300 -39.66 -3.08 6.89
N LEU D 301 -38.33 -3.12 6.79
CA LEU D 301 -37.66 -4.21 6.07
C LEU D 301 -37.84 -5.54 6.79
N LEU D 302 -37.60 -5.58 8.10
CA LEU D 302 -37.73 -6.84 8.83
C LEU D 302 -39.16 -7.35 8.79
N GLU D 303 -40.15 -6.46 8.99
CA GLU D 303 -41.53 -6.92 9.01
C GLU D 303 -42.08 -7.21 7.61
N SER D 304 -41.53 -6.60 6.56
CA SER D 304 -42.04 -6.82 5.21
C SER D 304 -41.46 -8.05 4.53
N ASN D 305 -40.20 -8.39 4.81
CA ASN D 305 -39.52 -9.50 4.15
C ASN D 305 -39.49 -10.77 4.98
N GLN D 306 -40.25 -10.84 6.07
CA GLN D 306 -40.24 -12.03 6.91
C GLN D 306 -40.89 -13.21 6.19
N GLN D 307 -40.43 -14.41 6.54
CA GLN D 307 -40.89 -15.69 6.02
C GLN D 307 -41.65 -16.41 7.13
N LYS D 308 -42.22 -17.57 6.80
CA LYS D 308 -42.96 -18.33 7.82
C LYS D 308 -42.07 -18.64 9.02
N ASP D 309 -40.81 -18.95 8.76
CA ASP D 309 -39.83 -19.12 9.83
C ASP D 309 -39.33 -17.75 10.28
N GLY D 310 -38.10 -17.68 10.77
CA GLY D 310 -37.49 -16.45 11.24
C GLY D 310 -36.45 -15.85 10.34
N SER D 311 -36.32 -16.33 9.09
CA SER D 311 -35.14 -15.99 8.27
C SER D 311 -35.15 -14.55 7.78
N VAL D 312 -36.24 -14.11 7.16
CA VAL D 312 -36.35 -12.77 6.57
C VAL D 312 -35.41 -12.63 5.36
N LEU D 313 -35.98 -12.31 4.21
CA LEU D 313 -35.21 -12.12 2.99
C LEU D 313 -34.53 -10.75 2.99
N VAL D 314 -33.38 -10.69 2.34
CA VAL D 314 -32.59 -9.46 2.24
C VAL D 314 -32.80 -8.85 0.87
N PRO D 315 -33.20 -7.59 0.77
CA PRO D 315 -33.35 -6.92 -0.54
C PRO D 315 -32.04 -6.93 -1.30
N PRO D 316 -32.10 -7.07 -2.64
CA PRO D 316 -30.85 -7.10 -3.43
C PRO D 316 -29.92 -5.91 -3.21
N ALA D 317 -30.48 -4.71 -3.02
CA ALA D 317 -29.65 -3.53 -2.78
C ALA D 317 -28.81 -3.67 -1.53
N LEU D 318 -29.29 -4.44 -0.56
CA LEU D 318 -28.60 -4.64 0.71
C LEU D 318 -27.85 -5.97 0.74
N GLN D 319 -28.04 -6.84 -0.26
CA GLN D 319 -27.35 -8.12 -0.31
C GLN D 319 -25.85 -7.94 -0.48
N SER D 320 -25.44 -6.87 -1.16
CA SER D 320 -24.01 -6.59 -1.29
C SER D 320 -23.37 -6.36 0.07
N TYR D 321 -24.03 -5.61 0.95
CA TYR D 321 -23.46 -5.31 2.25
C TYR D 321 -23.64 -6.45 3.23
N LEU D 322 -24.71 -7.24 3.09
CA LEU D 322 -24.95 -8.33 4.01
C LEU D 322 -24.29 -9.64 3.57
N GLY D 323 -23.98 -9.79 2.27
CA GLY D 323 -23.36 -11.00 1.81
C GLY D 323 -24.26 -12.21 1.77
N THR D 324 -25.57 -12.02 1.96
CA THR D 324 -26.50 -13.13 1.95
C THR D 324 -27.89 -12.57 1.63
N ASP D 325 -28.77 -13.47 1.20
CA ASP D 325 -30.16 -13.13 0.92
C ASP D 325 -31.11 -13.53 2.04
N ARG D 326 -30.60 -14.12 3.12
CA ARG D 326 -31.45 -14.52 4.24
C ARG D 326 -30.61 -14.59 5.51
N ILE D 327 -31.13 -14.01 6.58
CA ILE D 327 -30.52 -14.07 7.90
C ILE D 327 -31.02 -15.34 8.59
N THR D 328 -30.10 -16.18 9.08
CA THR D 328 -30.50 -17.52 9.54
C THR D 328 -30.16 -17.80 11.01
N ALA D 329 -29.84 -16.76 11.80
CA ALA D 329 -29.57 -16.85 13.24
C ALA D 329 -28.28 -17.63 13.54
N PRO D 330 -27.56 -17.25 14.60
CA PRO D 330 -26.33 -17.95 14.94
C PRO D 330 -26.60 -19.26 15.66
N THR D 331 -25.55 -20.08 15.75
CA THR D 331 -25.62 -21.37 16.42
C THR D 331 -25.58 -21.22 17.94
#